data_2PMS
#
_entry.id   2PMS
#
_cell.length_a   130.180
_cell.length_b   130.180
_cell.length_c   80.800
_cell.angle_alpha   90.00
_cell.angle_beta   90.00
_cell.angle_gamma   120.00
#
_symmetry.space_group_name_H-M   'P 32'
#
loop_
_entity.id
_entity.type
_entity.pdbx_description
1 polymer Lactotransferrin
2 polymer 'PNEUMOCOCCAL SURFACE PROTEIN A (PSPA)'
3 non-polymer 2-acetamido-2-deoxy-beta-D-glucopyranose
4 non-polymer 'CARBONATE ION'
5 non-polymer 'FE (III) ION'
6 non-polymer 'SULFATE ION'
7 non-polymer 'ZINC ION'
8 water water
#
loop_
_entity_poly.entity_id
_entity_poly.type
_entity_poly.pdbx_seq_one_letter_code
_entity_poly.pdbx_strand_id
1 'polypeptide(L)'
;GRRRRSVQWCAVSQPEATKCFQWQRNMRRVRGPPVSCIKRDSPIQCIQAIAENRADAVTLDGGFIYEAGLAPYKLRPVAA
EVYGTERQPRTHYYAVAVVKKGGSFQLNELQGLKSCHTGLRRTAGWNVPIGTLRPFLNWTGPPEPIEAAVARFFSASCVP
GADKGQFPNLCRLCAGTGENKCAFSSQEPYFSYSGAFKCLRDGAGDVAFIRESTVFEDLSDEAERDEYELLCPDNTRKPV
DKFKDCHLARVPSHAVVARSVNGKEDAIWNLLRQAQEKFGKDKSPKFQLFGSPSGQKDLLFKDSAIGFSRVPPRIDSGLY
LGSGYFTAIQNLRKSEEEVAARRA
;
A,B
2 'polypeptide(L)'
;GSHMDAEEVAPQAKIAELENQVHRLEQELKEIDESESEDYAKEGFRAPLQSKLDAKKAKLSKLEELSDKIDELDAEIAKL
EDQLKAAEENNNVEDYFKEGLEKTIAAKKAELEKTEADLKKAVNE
;
C,D
#
loop_
_chem_comp.id
_chem_comp.type
_chem_comp.name
_chem_comp.formula
CO3 non-polymer 'CARBONATE ION' 'C O3 -2'
FE non-polymer 'FE (III) ION' 'Fe 3'
NAG D-saccharide, beta linking 2-acetamido-2-deoxy-beta-D-glucopyranose 'C8 H15 N O6'
SO4 non-polymer 'SULFATE ION' 'O4 S -2'
ZN non-polymer 'ZINC ION' 'Zn 2'
#
# COMPACT_ATOMS: atom_id res chain seq x y z
N ARG A 3 15.14 25.00 18.11
CA ARG A 3 15.60 23.69 17.55
C ARG A 3 16.52 23.91 16.33
N ARG A 4 17.63 23.17 16.27
CA ARG A 4 18.65 23.35 15.23
C ARG A 4 18.17 23.01 13.80
N ARG A 5 18.81 23.65 12.82
CA ARG A 5 18.45 23.50 11.40
C ARG A 5 19.01 22.23 10.71
N SER A 6 19.95 21.55 11.35
CA SER A 6 20.58 20.29 10.85
C SER A 6 19.68 19.04 11.02
N VAL A 7 20.18 17.87 10.60
CA VAL A 7 19.37 16.63 10.66
C VAL A 7 19.44 15.91 12.01
N GLN A 8 18.28 15.71 12.63
CA GLN A 8 18.20 15.11 13.95
C GLN A 8 17.61 13.70 13.93
N TRP A 9 18.42 12.72 14.34
CA TRP A 9 18.09 11.31 14.22
C TRP A 9 17.46 10.75 15.48
N CYS A 10 16.56 9.78 15.31
CA CYS A 10 15.84 9.22 16.43
C CYS A 10 16.40 7.86 16.87
N ALA A 11 16.86 7.78 18.12
CA ALA A 11 17.35 6.51 18.68
C ALA A 11 16.33 5.87 19.64
N VAL A 12 16.06 4.58 19.45
CA VAL A 12 15.03 3.91 20.25
C VAL A 12 15.55 3.24 21.52
N SER A 13 16.83 3.43 21.86
CA SER A 13 17.44 2.80 23.04
C SER A 13 18.77 3.44 23.38
N GLN A 14 19.26 3.21 24.60
CA GLN A 14 20.54 3.77 25.01
C GLN A 14 21.71 3.35 24.08
N PRO A 15 21.86 2.03 23.81
CA PRO A 15 22.91 1.61 22.87
C PRO A 15 22.83 2.28 21.49
N GLU A 16 21.63 2.53 21.00
CA GLU A 16 21.46 3.22 19.72
C GLU A 16 21.96 4.64 19.85
N ALA A 17 21.61 5.32 20.94
CA ALA A 17 22.08 6.68 21.15
C ALA A 17 23.62 6.79 21.13
N THR A 18 24.30 5.78 21.66
CA THR A 18 25.76 5.77 21.74
C THR A 18 26.39 5.69 20.37
N LYS A 19 25.79 4.89 19.49
CA LYS A 19 26.30 4.76 18.13
C LYS A 19 26.07 6.05 17.39
N CYS A 20 24.91 6.63 17.66
CA CYS A 20 24.48 7.83 17.02
C CYS A 20 25.35 9.01 17.46
N PHE A 21 25.76 9.02 18.72
CA PHE A 21 26.75 9.98 19.22
C PHE A 21 28.07 9.85 18.47
N GLN A 22 28.48 8.61 18.22
CA GLN A 22 29.72 8.31 17.49
C GLN A 22 29.60 8.76 16.04
N TRP A 23 28.42 8.56 15.47
CA TRP A 23 28.14 8.98 14.10
C TRP A 23 28.34 10.49 13.96
N GLN A 24 27.75 11.25 14.88
CA GLN A 24 27.99 12.69 14.97
C GLN A 24 29.48 13.06 15.08
N ARG A 25 30.23 12.46 16.02
CA ARG A 25 31.66 12.77 16.17
C ARG A 25 32.43 12.53 14.89
N ASN A 26 32.13 11.42 14.21
CA ASN A 26 32.81 11.06 12.98
C ASN A 26 32.45 11.91 11.76
N MET A 27 31.19 12.30 11.64
CA MET A 27 30.76 13.17 10.56
C MET A 27 31.41 14.53 10.67
N ARG A 28 31.66 14.97 11.89
CA ARG A 28 32.24 16.28 12.12
C ARG A 28 33.75 16.26 11.84
N ARG A 29 34.38 15.14 12.18
CA ARG A 29 35.82 14.94 12.01
C ARG A 29 36.22 14.91 10.55
N VAL A 30 35.34 14.42 9.68
CA VAL A 30 35.67 14.30 8.25
C VAL A 30 35.01 15.37 7.37
N ARG A 31 34.53 16.44 8.01
CA ARG A 31 33.97 17.61 7.32
C ARG A 31 32.74 17.32 6.46
N GLY A 32 31.82 16.50 6.99
CA GLY A 32 30.59 16.16 6.27
C GLY A 32 29.37 16.75 6.94
N PRO A 33 28.16 16.38 6.46
CA PRO A 33 26.91 16.93 6.99
C PRO A 33 26.66 16.48 8.43
N PRO A 34 26.19 17.41 9.29
CA PRO A 34 26.04 17.07 10.70
C PRO A 34 24.78 16.24 11.02
N VAL A 35 24.88 15.39 12.03
CA VAL A 35 23.75 14.65 12.58
C VAL A 35 23.79 14.67 14.11
N SER A 36 22.67 14.99 14.75
CA SER A 36 22.60 14.90 16.21
C SER A 36 21.60 13.80 16.56
N CYS A 37 21.36 13.57 17.85
CA CYS A 37 20.49 12.46 18.25
C CYS A 37 19.44 12.82 19.27
N ILE A 38 18.26 12.24 19.08
CA ILE A 38 17.12 12.42 19.94
C ILE A 38 16.81 11.06 20.54
N LYS A 39 16.58 11.02 21.85
CA LYS A 39 16.40 9.76 22.55
C LYS A 39 14.93 9.48 22.88
N ARG A 40 14.43 8.35 22.38
CA ARG A 40 13.10 7.86 22.70
C ARG A 40 13.18 6.36 23.02
N ASP A 41 12.03 5.73 23.32
CA ASP A 41 12.01 4.34 23.79
C ASP A 41 11.32 3.35 22.86
N SER A 42 10.68 3.84 21.81
CA SER A 42 9.99 2.96 20.88
C SER A 42 9.81 3.64 19.53
N PRO A 43 9.73 2.84 18.45
CA PRO A 43 9.46 3.42 17.14
C PRO A 43 8.26 4.37 17.16
N ILE A 44 7.18 4.01 17.84
CA ILE A 44 5.99 4.88 17.91
C ILE A 44 6.39 6.26 18.39
N GLN A 45 7.16 6.29 19.48
CA GLN A 45 7.61 7.55 20.08
C GLN A 45 8.50 8.33 19.13
N CYS A 46 9.33 7.62 18.38
CA CYS A 46 10.11 8.26 17.35
C CYS A 46 9.27 8.82 16.22
N ILE A 47 8.22 8.10 15.84
CA ILE A 47 7.29 8.56 14.81
C ILE A 47 6.60 9.84 15.28
N GLN A 48 6.08 9.82 16.52
CA GLN A 48 5.48 11.00 17.12
C GLN A 48 6.46 12.18 17.21
N ALA A 49 7.71 11.88 17.49
CA ALA A 49 8.73 12.91 17.64
C ALA A 49 8.96 13.62 16.32
N ILE A 50 9.07 12.84 15.25
CA ILE A 50 9.29 13.42 13.92
C ILE A 50 8.03 14.17 13.43
N ALA A 51 6.86 13.62 13.71
CA ALA A 51 5.59 14.25 13.38
C ALA A 51 5.45 15.61 14.06
N GLU A 52 5.91 15.68 15.32
CA GLU A 52 5.71 16.84 16.17
C GLU A 52 6.90 17.81 16.13
N ASN A 53 7.80 17.59 15.17
CA ASN A 53 8.96 18.44 14.92
C ASN A 53 9.93 18.48 16.09
N ARG A 54 10.24 17.30 16.61
CA ARG A 54 11.24 17.15 17.66
C ARG A 54 12.41 16.32 17.16
N ALA A 55 12.21 15.68 16.00
CA ALA A 55 13.23 14.91 15.33
C ALA A 55 12.90 14.94 13.84
N ASP A 56 13.81 14.40 13.03
CA ASP A 56 13.63 14.44 11.58
C ASP A 56 13.60 13.06 10.90
N ALA A 57 14.34 12.10 11.45
CA ALA A 57 14.57 10.85 10.73
C ALA A 57 14.75 9.60 11.62
N VAL A 58 14.17 8.48 11.16
CA VAL A 58 14.34 7.16 11.78
C VAL A 58 14.10 6.00 10.79
N THR A 59 14.82 4.89 10.97
CA THR A 59 14.67 3.71 10.14
C THR A 59 13.66 2.72 10.75
N LEU A 60 12.57 2.49 10.02
CA LEU A 60 11.49 1.65 10.51
C LEU A 60 11.34 0.43 9.65
N ASP A 61 10.83 -0.64 10.26
CA ASP A 61 10.40 -1.83 9.57
C ASP A 61 9.08 -1.54 8.85
N GLY A 62 8.76 -2.35 7.84
CA GLY A 62 7.57 -2.16 7.03
C GLY A 62 6.31 -1.96 7.85
N GLY A 63 6.20 -2.71 8.94
CA GLY A 63 5.06 -2.63 9.84
C GLY A 63 4.89 -1.24 10.45
N PHE A 64 6.01 -0.58 10.72
CA PHE A 64 5.99 0.77 11.29
C PHE A 64 5.99 1.91 10.27
N ILE A 65 6.46 1.62 9.05
CA ILE A 65 6.28 2.52 7.91
C ILE A 65 4.77 2.69 7.64
N TYR A 66 4.05 1.57 7.66
CA TYR A 66 2.60 1.60 7.51
C TYR A 66 2.00 2.42 8.63
N GLU A 67 2.41 2.14 9.86
CA GLU A 67 1.93 2.85 11.02
C GLU A 67 2.16 4.36 10.92
N ALA A 68 3.36 4.76 10.48
CA ALA A 68 3.78 6.15 10.41
C ALA A 68 3.16 6.90 9.25
N GLY A 69 2.52 6.18 8.34
CA GLY A 69 1.83 6.81 7.22
C GLY A 69 0.47 7.38 7.58
N LEU A 70 -0.12 6.85 8.65
CA LEU A 70 -1.47 7.23 9.05
C LEU A 70 -1.52 8.61 9.69
N ALA A 71 -2.72 9.17 9.83
CA ALA A 71 -2.91 10.36 10.65
C ALA A 71 -2.71 10.01 12.13
N PRO A 72 -2.25 10.99 12.94
CA PRO A 72 -1.94 12.36 12.53
C PRO A 72 -0.49 12.52 12.14
N TYR A 73 0.19 11.43 11.82
CA TYR A 73 1.62 11.47 11.56
C TYR A 73 1.98 11.81 10.11
N LYS A 74 1.54 10.97 9.17
CA LYS A 74 1.75 11.21 7.72
C LYS A 74 3.23 11.37 7.36
N LEU A 75 4.01 10.34 7.69
CA LEU A 75 5.42 10.30 7.36
C LEU A 75 5.62 9.47 6.09
N ARG A 76 6.68 9.78 5.35
CA ARG A 76 6.97 9.05 4.13
C ARG A 76 8.39 8.47 4.15
N PRO A 77 8.60 7.33 3.48
CA PRO A 77 9.94 6.80 3.35
C PRO A 77 10.70 7.66 2.39
N VAL A 78 11.92 8.03 2.76
CA VAL A 78 12.78 8.89 1.95
C VAL A 78 13.99 8.13 1.40
N ALA A 79 14.40 7.07 2.11
CA ALA A 79 15.56 6.29 1.72
C ALA A 79 15.43 4.85 2.20
N ALA A 80 15.64 3.92 1.28
CA ALA A 80 15.49 2.51 1.60
C ALA A 80 16.84 1.87 1.90
N GLU A 81 16.84 0.87 2.78
CA GLU A 81 18.05 0.08 2.98
C GLU A 81 18.29 -0.84 1.80
N VAL A 82 19.56 -1.04 1.50
CA VAL A 82 19.96 -1.88 0.41
C VAL A 82 20.69 -3.06 1.04
N TYR A 83 20.15 -4.26 0.86
CA TYR A 83 20.79 -5.46 1.39
C TYR A 83 21.48 -6.21 0.27
N GLY A 84 22.10 -7.34 0.64
CA GLY A 84 22.73 -8.24 -0.32
C GLY A 84 24.23 -8.00 -0.41
N THR A 85 24.71 -7.80 -1.63
CA THR A 85 26.13 -7.58 -1.87
C THR A 85 26.31 -6.50 -2.92
N GLU A 86 27.50 -5.88 -2.94
CA GLU A 86 27.71 -4.72 -3.80
C GLU A 86 27.39 -5.01 -5.28
N ARG A 87 27.64 -6.24 -5.71
CA ARG A 87 27.45 -6.62 -7.11
C ARG A 87 26.04 -7.15 -7.40
N GLN A 88 25.37 -7.63 -6.36
CA GLN A 88 24.01 -8.19 -6.47
C GLN A 88 23.16 -7.63 -5.30
N PRO A 89 22.72 -6.36 -5.41
CA PRO A 89 22.04 -5.62 -4.34
C PRO A 89 20.52 -5.78 -4.31
N ARG A 90 19.96 -5.95 -3.11
CA ARG A 90 18.53 -6.20 -2.94
C ARG A 90 17.83 -5.05 -2.21
N THR A 91 16.63 -4.70 -2.67
CA THR A 91 15.82 -3.66 -2.01
C THR A 91 14.58 -4.28 -1.35
N HIS A 92 14.55 -5.61 -1.35
CA HIS A 92 13.46 -6.39 -0.79
C HIS A 92 14.06 -7.44 0.11
N TYR A 93 13.21 -8.10 0.91
CA TYR A 93 13.60 -9.28 1.64
C TYR A 93 12.45 -10.26 1.76
N TYR A 94 12.78 -11.50 2.07
CA TYR A 94 11.77 -12.53 2.20
C TYR A 94 11.52 -12.77 3.65
N ALA A 95 10.24 -12.76 4.00
CA ALA A 95 9.81 -13.22 5.31
C ALA A 95 9.60 -14.72 5.21
N VAL A 96 10.22 -15.46 6.11
CA VAL A 96 10.14 -16.93 6.12
C VAL A 96 9.65 -17.46 7.48
N ALA A 97 9.30 -18.74 7.51
CA ALA A 97 9.04 -19.42 8.78
C ALA A 97 10.05 -20.56 9.00
N VAL A 98 10.87 -20.44 10.03
CA VAL A 98 11.98 -21.36 10.28
C VAL A 98 11.65 -22.38 11.37
N VAL A 99 11.80 -23.66 11.02
CA VAL A 99 11.48 -24.77 11.93
C VAL A 99 12.68 -25.68 12.11
N LYS A 100 12.64 -26.54 13.12
CA LYS A 100 13.70 -27.52 13.32
C LYS A 100 13.52 -28.71 12.38
N LYS A 101 14.63 -29.17 11.80
CA LYS A 101 14.60 -30.39 11.01
C LYS A 101 14.35 -31.61 11.93
N GLY A 102 13.52 -32.54 11.46
CA GLY A 102 13.15 -33.71 12.25
C GLY A 102 11.66 -33.90 12.34
N GLY A 103 10.93 -32.83 12.66
CA GLY A 103 9.46 -32.88 12.74
C GLY A 103 8.84 -32.96 11.37
N SER A 104 7.52 -33.12 11.32
CA SER A 104 6.83 -33.17 10.03
C SER A 104 5.57 -32.29 9.94
N PHE A 105 5.43 -31.35 10.87
CA PHE A 105 4.35 -30.36 10.79
C PHE A 105 4.58 -29.37 9.65
N GLN A 106 3.49 -29.02 8.95
CA GLN A 106 3.54 -28.12 7.81
C GLN A 106 2.88 -26.79 8.17
N LEU A 107 2.94 -25.81 7.26
CA LEU A 107 2.36 -24.49 7.53
C LEU A 107 0.89 -24.52 7.96
N ASN A 108 0.17 -25.56 7.58
CA ASN A 108 -1.25 -25.70 7.92
C ASN A 108 -1.50 -26.48 9.20
N GLU A 109 -0.43 -26.88 9.86
CA GLU A 109 -0.50 -27.72 11.06
C GLU A 109 0.18 -27.03 12.23
N LEU A 110 0.01 -25.72 12.34
CA LEU A 110 0.72 -24.96 13.36
C LEU A 110 -0.08 -24.76 14.64
N GLN A 111 -1.36 -25.15 14.61
CA GLN A 111 -2.21 -24.97 15.78
C GLN A 111 -1.73 -25.80 16.98
N GLY A 112 -1.65 -25.15 18.14
CA GLY A 112 -1.20 -25.80 19.36
C GLY A 112 0.30 -26.02 19.44
N LEU A 113 1.05 -25.31 18.60
CA LEU A 113 2.50 -25.37 18.69
C LEU A 113 3.02 -24.03 19.21
N LYS A 114 4.29 -24.00 19.58
CA LYS A 114 4.87 -22.81 20.21
C LYS A 114 5.60 -21.94 19.19
N SER A 115 5.31 -20.64 19.17
CA SER A 115 5.86 -19.74 18.13
C SER A 115 6.77 -18.63 18.65
N CYS A 116 7.71 -18.21 17.80
CA CYS A 116 8.54 -17.06 18.11
C CYS A 116 8.32 -16.01 17.02
N HIS A 117 8.31 -14.75 17.45
CA HIS A 117 7.99 -13.62 16.59
C HIS A 117 8.99 -12.49 16.92
N THR A 118 9.33 -11.68 15.93
CA THR A 118 10.26 -10.58 16.13
C THR A 118 9.69 -9.51 17.08
N GLY A 119 8.38 -9.33 17.02
CA GLY A 119 7.69 -8.32 17.82
C GLY A 119 6.35 -7.96 17.21
N LEU A 120 5.49 -7.36 18.02
CA LEU A 120 4.14 -7.03 17.59
C LEU A 120 4.12 -5.99 16.45
N ARG A 121 3.32 -6.30 15.43
CA ARG A 121 3.13 -5.45 14.23
C ARG A 121 4.34 -5.23 13.34
N ARG A 122 5.39 -6.05 13.49
CA ARG A 122 6.52 -6.08 12.56
C ARG A 122 6.15 -6.93 11.36
N THR A 123 6.95 -6.84 10.30
CA THR A 123 6.62 -7.45 9.00
C THR A 123 6.76 -8.97 8.97
N ALA A 124 8.00 -9.45 9.04
CA ALA A 124 8.29 -10.88 9.00
C ALA A 124 7.77 -11.62 10.23
N GLY A 125 7.65 -10.90 11.34
CA GLY A 125 7.33 -11.52 12.63
C GLY A 125 5.87 -11.50 13.03
N TRP A 126 5.07 -10.64 12.40
CA TRP A 126 3.65 -10.56 12.76
C TRP A 126 2.73 -10.43 11.56
N ASN A 127 2.90 -9.37 10.78
CA ASN A 127 2.01 -9.04 9.68
C ASN A 127 1.99 -10.11 8.59
N VAL A 128 3.12 -10.73 8.33
CA VAL A 128 3.15 -11.82 7.36
C VAL A 128 2.61 -13.15 7.94
N PRO A 129 3.21 -13.68 9.04
CA PRO A 129 2.66 -14.92 9.62
C PRO A 129 1.18 -14.83 10.01
N ILE A 130 0.79 -13.79 10.75
CA ILE A 130 -0.60 -13.67 11.18
C ILE A 130 -1.55 -13.38 10.00
N GLY A 131 -1.08 -12.60 9.03
CA GLY A 131 -1.82 -12.44 7.79
C GLY A 131 -2.02 -13.78 7.10
N THR A 132 -0.96 -14.59 7.05
CA THR A 132 -0.97 -15.90 6.41
C THR A 132 -1.90 -16.88 7.10
N LEU A 133 -1.93 -16.83 8.44
CA LEU A 133 -2.65 -17.84 9.21
C LEU A 133 -4.07 -17.45 9.59
N ARG A 134 -4.47 -16.22 9.31
CA ARG A 134 -5.78 -15.69 9.73
C ARG A 134 -6.98 -16.60 9.43
N PRO A 135 -7.03 -17.22 8.24
CA PRO A 135 -8.09 -18.19 7.94
C PRO A 135 -8.10 -19.44 8.81
N PHE A 136 -7.11 -19.63 9.68
CA PHE A 136 -7.12 -20.75 10.63
C PHE A 136 -7.51 -20.29 12.03
N LEU A 137 -7.35 -18.99 12.29
CA LEU A 137 -7.47 -18.43 13.64
C LEU A 137 -8.89 -18.42 14.20
N ASN A 138 -9.88 -18.64 13.33
CA ASN A 138 -11.31 -18.56 13.70
C ASN A 138 -11.64 -17.20 14.33
N TRP A 139 -11.10 -16.12 13.77
CA TRP A 139 -11.26 -14.78 14.34
C TRP A 139 -12.54 -14.06 13.93
N THR A 140 -13.23 -13.47 14.90
CA THR A 140 -14.54 -12.85 14.70
C THR A 140 -14.50 -11.35 14.35
N GLY A 141 -13.41 -10.68 14.72
CA GLY A 141 -13.29 -9.21 14.62
C GLY A 141 -13.65 -8.53 15.94
N PRO A 142 -13.61 -7.17 15.98
CA PRO A 142 -14.08 -6.41 17.17
C PRO A 142 -15.50 -6.84 17.59
N PRO A 143 -15.78 -6.90 18.90
CA PRO A 143 -14.97 -6.46 20.05
C PRO A 143 -13.84 -7.42 20.48
N GLU A 144 -13.37 -8.27 19.54
CA GLU A 144 -12.22 -9.13 19.81
C GLU A 144 -10.98 -8.66 19.07
N PRO A 145 -9.91 -8.34 19.82
CA PRO A 145 -8.60 -8.03 19.23
C PRO A 145 -7.96 -9.28 18.64
N ILE A 146 -7.19 -9.11 17.56
CA ILE A 146 -6.59 -10.26 16.89
C ILE A 146 -5.61 -11.04 17.79
N GLU A 147 -5.05 -10.35 18.77
CA GLU A 147 -4.10 -10.94 19.70
C GLU A 147 -4.70 -12.11 20.47
N ALA A 148 -6.01 -12.05 20.74
CA ALA A 148 -6.71 -13.12 21.46
C ALA A 148 -6.77 -14.42 20.66
N ALA A 149 -7.18 -14.32 19.40
CA ALA A 149 -7.32 -15.50 18.53
C ALA A 149 -5.98 -16.20 18.27
N VAL A 150 -4.91 -15.41 18.13
CA VAL A 150 -3.54 -15.90 18.03
C VAL A 150 -3.13 -16.61 19.32
N ALA A 151 -3.52 -16.02 20.44
CA ALA A 151 -3.28 -16.60 21.77
C ALA A 151 -4.05 -17.91 21.98
N ARG A 152 -5.20 -18.04 21.32
CA ARG A 152 -5.92 -19.33 21.32
C ARG A 152 -5.27 -20.31 20.35
N PHE A 153 -4.76 -19.79 19.23
CA PHE A 153 -4.20 -20.60 18.14
C PHE A 153 -2.93 -21.36 18.53
N PHE A 154 -1.87 -20.63 18.86
CA PHE A 154 -0.63 -21.24 19.38
C PHE A 154 -0.83 -21.57 20.86
N SER A 155 -0.20 -22.65 21.33
CA SER A 155 -0.29 -22.99 22.75
C SER A 155 0.46 -21.95 23.59
N ALA A 156 1.59 -21.48 23.07
CA ALA A 156 2.41 -20.47 23.72
C ALA A 156 3.28 -19.77 22.68
N SER A 157 3.66 -18.53 22.94
CA SER A 157 4.48 -17.78 22.00
C SER A 157 5.31 -16.68 22.66
N CYS A 158 6.29 -16.15 21.94
CA CYS A 158 6.90 -14.89 22.31
C CYS A 158 6.59 -13.85 21.24
N VAL A 159 5.84 -12.84 21.63
CA VAL A 159 5.48 -11.72 20.77
C VAL A 159 5.85 -10.47 21.54
N PRO A 160 7.13 -10.02 21.43
CA PRO A 160 7.59 -8.86 22.17
C PRO A 160 6.73 -7.64 21.86
N GLY A 161 6.36 -6.92 22.89
CA GLY A 161 5.53 -5.73 22.72
C GLY A 161 4.04 -6.00 22.83
N ALA A 162 3.68 -7.28 22.92
CA ALA A 162 2.28 -7.65 23.15
C ALA A 162 1.89 -7.27 24.56
N ASP A 163 0.62 -6.88 24.71
CA ASP A 163 0.09 -6.50 26.00
C ASP A 163 0.08 -7.72 26.92
N LYS A 164 0.96 -7.68 27.92
CA LYS A 164 1.11 -8.79 28.86
C LYS A 164 -0.11 -8.95 29.77
N GLY A 165 -0.81 -7.85 30.03
CA GLY A 165 -2.03 -7.85 30.83
C GLY A 165 -3.13 -8.75 30.26
N GLN A 166 -3.60 -8.43 29.05
CA GLN A 166 -4.71 -9.15 28.43
C GLN A 166 -4.32 -10.44 27.70
N PHE A 167 -3.06 -10.54 27.29
CA PHE A 167 -2.61 -11.66 26.46
C PHE A 167 -1.36 -12.30 27.06
N PRO A 168 -1.48 -12.94 28.24
CA PRO A 168 -0.27 -13.44 28.89
C PRO A 168 0.34 -14.61 28.13
N ASN A 169 -0.48 -15.25 27.29
CA ASN A 169 -0.09 -16.43 26.50
C ASN A 169 0.78 -16.09 25.27
N LEU A 170 0.83 -14.81 24.93
CA LEU A 170 1.71 -14.33 23.87
C LEU A 170 3.06 -13.94 24.44
N CYS A 171 3.15 -13.84 25.76
CA CYS A 171 4.41 -13.46 26.40
C CYS A 171 5.09 -14.60 27.12
N ARG A 172 4.36 -15.69 27.35
CA ARG A 172 4.83 -16.82 28.15
C ARG A 172 6.25 -17.24 27.79
N LEU A 173 6.48 -17.47 26.50
CA LEU A 173 7.74 -18.02 25.99
C LEU A 173 8.95 -17.10 26.08
N CYS A 174 8.73 -15.79 26.27
CA CYS A 174 9.81 -14.82 26.26
C CYS A 174 10.84 -15.04 27.38
N ALA A 175 12.09 -14.66 27.10
CA ALA A 175 13.21 -14.92 28.01
C ALA A 175 13.60 -13.73 28.89
N GLY A 176 12.87 -12.63 28.76
CA GLY A 176 13.17 -11.40 29.52
C GLY A 176 13.08 -11.57 31.03
N THR A 177 13.95 -10.87 31.75
CA THR A 177 13.94 -10.90 33.21
C THR A 177 12.99 -9.84 33.76
N GLY A 178 12.15 -10.24 34.71
CA GLY A 178 11.21 -9.34 35.39
C GLY A 178 10.34 -8.51 34.46
N GLU A 179 10.41 -7.18 34.61
CA GLU A 179 9.59 -6.25 33.83
C GLU A 179 10.11 -6.02 32.41
N ASN A 180 11.23 -6.65 32.10
CA ASN A 180 11.76 -6.65 30.74
C ASN A 180 11.28 -7.86 29.94
N LYS A 181 10.46 -8.70 30.56
CA LYS A 181 9.85 -9.82 29.87
C LYS A 181 8.90 -9.28 28.81
N CYS A 182 9.02 -9.80 27.59
CA CYS A 182 8.11 -9.48 26.48
C CYS A 182 8.19 -8.01 26.04
N ALA A 183 9.26 -7.34 26.46
CA ALA A 183 9.52 -5.94 26.13
C ALA A 183 9.80 -5.77 24.65
N PHE A 184 9.45 -4.61 24.10
CA PHE A 184 9.74 -4.35 22.70
C PHE A 184 11.12 -3.69 22.55
N SER A 185 12.17 -4.43 22.90
CA SER A 185 13.53 -3.90 22.87
C SER A 185 14.55 -4.99 23.15
N SER A 186 15.84 -4.63 23.09
CA SER A 186 16.96 -5.55 23.35
C SER A 186 17.02 -6.13 24.76
N GLN A 187 16.34 -5.48 25.71
CA GLN A 187 16.16 -6.02 27.07
C GLN A 187 15.53 -7.41 27.01
N GLU A 188 14.68 -7.63 26.01
CA GLU A 188 14.11 -8.94 25.76
C GLU A 188 15.08 -9.70 24.86
N PRO A 189 15.68 -10.78 25.39
CA PRO A 189 16.63 -11.53 24.57
C PRO A 189 16.03 -12.16 23.32
N TYR A 190 14.70 -12.31 23.24
CA TYR A 190 14.09 -12.88 22.03
C TYR A 190 13.50 -11.84 21.07
N PHE A 191 13.89 -10.58 21.24
CA PHE A 191 13.40 -9.47 20.42
C PHE A 191 14.08 -9.43 19.07
N SER A 192 13.32 -8.99 18.08
CA SER A 192 13.77 -8.84 16.69
C SER A 192 14.16 -10.13 15.97
N TYR A 193 14.62 -9.97 14.73
CA TYR A 193 15.03 -11.09 13.90
C TYR A 193 15.91 -12.05 14.68
N SER A 194 17.04 -11.53 15.16
CA SER A 194 18.06 -12.34 15.81
C SER A 194 17.54 -13.05 17.06
N GLY A 195 16.71 -12.33 17.84
CA GLY A 195 16.13 -12.87 19.05
C GLY A 195 15.15 -14.00 18.79
N ALA A 196 14.27 -13.81 17.81
CA ALA A 196 13.25 -14.80 17.52
C ALA A 196 13.84 -16.13 17.12
N PHE A 197 14.91 -16.10 16.33
CA PHE A 197 15.67 -17.30 16.00
C PHE A 197 16.25 -17.96 17.26
N LYS A 198 16.76 -17.15 18.21
CA LYS A 198 17.30 -17.69 19.44
C LYS A 198 16.23 -18.43 20.23
N CYS A 199 15.01 -17.89 20.22
CA CYS A 199 13.84 -18.53 20.82
C CYS A 199 13.57 -19.92 20.23
N LEU A 200 13.91 -20.10 18.97
CA LEU A 200 13.80 -21.42 18.34
C LEU A 200 15.02 -22.29 18.65
N ARG A 201 16.21 -21.72 18.53
CA ARG A 201 17.45 -22.43 18.82
C ARG A 201 17.51 -23.06 20.22
N ASP A 202 17.04 -22.32 21.23
CA ASP A 202 17.10 -22.78 22.63
C ASP A 202 16.11 -23.91 22.92
N GLY A 203 15.24 -24.20 21.95
CA GLY A 203 14.25 -25.26 22.08
C GLY A 203 12.98 -24.75 22.72
N ALA A 204 12.89 -23.44 22.89
CA ALA A 204 11.75 -22.82 23.54
C ALA A 204 10.54 -22.76 22.62
N GLY A 205 10.78 -22.56 21.33
CA GLY A 205 9.69 -22.53 20.35
C GLY A 205 9.74 -23.66 19.33
N ASP A 206 8.78 -23.63 18.40
CA ASP A 206 8.72 -24.62 17.33
C ASP A 206 8.85 -23.97 15.94
N VAL A 207 8.46 -22.71 15.84
CA VAL A 207 8.55 -21.96 14.57
C VAL A 207 9.02 -20.54 14.83
N ALA A 208 9.91 -20.07 13.95
CA ALA A 208 10.48 -18.74 14.05
C ALA A 208 10.06 -17.98 12.80
N PHE A 209 9.41 -16.84 13.02
CA PHE A 209 8.93 -15.99 11.95
C PHE A 209 9.88 -14.83 11.77
N ILE A 210 10.78 -14.98 10.81
CA ILE A 210 11.88 -14.05 10.59
C ILE A 210 12.17 -13.88 9.12
N ARG A 211 13.29 -13.21 8.85
CA ARG A 211 13.72 -12.82 7.53
C ARG A 211 14.68 -13.91 7.01
N GLU A 212 14.81 -14.02 5.68
CA GLU A 212 15.59 -15.09 5.08
C GLU A 212 17.09 -15.11 5.47
N SER A 213 17.68 -13.95 5.75
CA SER A 213 19.12 -13.90 5.95
C SER A 213 19.55 -14.20 7.39
N THR A 214 18.60 -14.15 8.32
CA THR A 214 18.91 -14.33 9.74
C THR A 214 19.65 -15.62 10.02
N VAL A 215 19.13 -16.74 9.51
CA VAL A 215 19.74 -18.04 9.76
C VAL A 215 21.21 -18.10 9.28
N PHE A 216 21.54 -17.34 8.23
CA PHE A 216 22.91 -17.26 7.74
C PHE A 216 23.78 -16.33 8.56
N GLU A 217 23.16 -15.31 9.15
CA GLU A 217 23.87 -14.35 9.98
C GLU A 217 24.30 -14.94 11.31
N ASP A 218 23.43 -15.75 11.92
CA ASP A 218 23.67 -16.28 13.25
C ASP A 218 24.47 -17.59 13.24
N LEU A 219 24.30 -18.38 12.19
CA LEU A 219 24.99 -19.66 12.10
C LEU A 219 25.99 -19.71 10.94
N SER A 220 27.27 -19.72 11.31
CA SER A 220 28.36 -19.68 10.35
C SER A 220 28.63 -21.04 9.68
N ASP A 221 28.40 -22.13 10.40
CA ASP A 221 28.71 -23.45 9.87
C ASP A 221 27.53 -24.10 9.14
N GLU A 222 27.79 -24.53 7.91
CA GLU A 222 26.79 -25.18 7.04
C GLU A 222 26.15 -26.42 7.66
N ALA A 223 26.90 -27.15 8.48
CA ALA A 223 26.42 -28.36 9.12
C ALA A 223 25.37 -28.03 10.16
N GLU A 224 25.48 -26.85 10.77
CA GLU A 224 24.49 -26.38 11.73
C GLU A 224 23.23 -25.91 11.02
N ARG A 225 23.41 -25.28 9.86
CA ARG A 225 22.26 -24.81 9.06
C ARG A 225 21.48 -25.94 8.40
N ASP A 226 22.14 -27.07 8.17
CA ASP A 226 21.48 -28.29 7.70
C ASP A 226 20.53 -28.87 8.74
N GLU A 227 20.59 -28.34 9.96
CA GLU A 227 19.71 -28.76 11.06
C GLU A 227 18.41 -27.94 11.15
N TYR A 228 18.21 -27.04 10.19
CA TYR A 228 17.01 -26.21 10.14
C TYR A 228 16.34 -26.25 8.76
N GLU A 229 15.03 -25.96 8.74
CA GLU A 229 14.24 -25.97 7.53
C GLU A 229 13.33 -24.77 7.48
N LEU A 230 12.82 -24.48 6.28
CA LEU A 230 11.77 -23.49 6.10
C LEU A 230 10.46 -24.20 5.81
N LEU A 231 9.35 -23.52 6.09
CA LEU A 231 8.02 -24.01 5.72
C LEU A 231 7.57 -23.29 4.47
N CYS A 232 7.28 -24.05 3.42
CA CYS A 232 6.76 -23.46 2.20
C CYS A 232 5.24 -23.39 2.31
N PRO A 233 4.61 -22.40 1.65
CA PRO A 233 3.17 -22.23 1.83
C PRO A 233 2.34 -23.24 1.05
N ASP A 234 3.03 -24.08 0.26
CA ASP A 234 2.37 -25.21 -0.39
C ASP A 234 2.32 -26.42 0.54
N ASN A 235 2.68 -26.18 1.81
CA ASN A 235 2.76 -27.20 2.87
C ASN A 235 3.85 -28.25 2.62
N THR A 236 5.02 -27.76 2.19
CA THR A 236 6.23 -28.58 2.03
C THR A 236 7.35 -27.99 2.89
N ARG A 237 8.33 -28.82 3.24
CA ARG A 237 9.54 -28.37 3.92
C ARG A 237 10.69 -28.36 2.94
N LYS A 238 11.53 -27.34 3.03
CA LYS A 238 12.71 -27.21 2.17
C LYS A 238 13.91 -26.69 2.98
N PRO A 239 15.14 -26.98 2.51
CA PRO A 239 16.33 -26.48 3.21
C PRO A 239 16.36 -24.96 3.21
N VAL A 240 17.02 -24.36 4.20
CA VAL A 240 16.99 -22.90 4.39
C VAL A 240 17.53 -22.06 3.23
N ASP A 241 18.45 -22.64 2.45
CA ASP A 241 19.04 -21.87 1.36
C ASP A 241 18.14 -21.85 0.14
N LYS A 242 17.03 -22.58 0.21
CA LYS A 242 16.04 -22.57 -0.86
C LYS A 242 14.88 -21.61 -0.55
N PHE A 243 15.20 -20.46 0.03
CA PHE A 243 14.19 -19.47 0.43
C PHE A 243 13.40 -18.79 -0.70
N LYS A 244 13.99 -18.64 -1.89
CA LYS A 244 13.26 -18.09 -3.04
C LYS A 244 12.05 -18.95 -3.39
N ASP A 245 12.22 -20.28 -3.34
CA ASP A 245 11.11 -21.21 -3.59
C ASP A 245 10.30 -21.54 -2.33
N CYS A 246 10.67 -20.91 -1.21
CA CYS A 246 10.10 -21.25 0.10
C CYS A 246 10.06 -20.09 1.09
N HIS A 247 9.26 -19.07 0.76
CA HIS A 247 9.05 -17.94 1.67
C HIS A 247 7.57 -17.69 1.84
N LEU A 248 7.23 -16.75 2.71
CA LEU A 248 5.84 -16.44 2.99
C LEU A 248 5.43 -15.10 2.38
N ALA A 249 6.40 -14.23 2.18
CA ALA A 249 6.18 -12.96 1.50
C ALA A 249 7.50 -12.38 1.01
N ARG A 250 7.45 -11.64 -0.09
CA ARG A 250 8.53 -10.73 -0.47
C ARG A 250 8.04 -9.35 -0.16
N VAL A 251 8.85 -8.59 0.57
CA VAL A 251 8.46 -7.26 1.03
C VAL A 251 9.61 -6.28 0.85
N PRO A 252 9.32 -4.98 0.69
CA PRO A 252 10.41 -4.02 0.49
C PRO A 252 11.15 -3.81 1.79
N SER A 253 12.40 -3.42 1.69
CA SER A 253 13.26 -3.27 2.85
C SER A 253 12.81 -2.15 3.78
N HIS A 254 13.32 -2.20 5.00
CA HIS A 254 13.23 -1.10 5.95
C HIS A 254 13.64 0.23 5.30
N ALA A 255 13.09 1.33 5.80
CA ALA A 255 13.39 2.64 5.24
C ALA A 255 13.44 3.72 6.30
N VAL A 256 14.29 4.73 6.09
CA VAL A 256 14.25 5.94 6.88
C VAL A 256 12.94 6.68 6.54
N VAL A 257 12.22 7.14 7.56
CA VAL A 257 11.07 8.01 7.30
C VAL A 257 11.30 9.43 7.79
N ALA A 258 10.55 10.35 7.18
CA ALA A 258 10.59 11.78 7.48
C ALA A 258 9.21 12.38 7.22
N ARG A 259 9.00 13.62 7.66
CA ARG A 259 7.75 14.32 7.44
C ARG A 259 7.43 14.46 5.96
N SER A 260 6.14 14.37 5.62
CA SER A 260 5.68 14.62 4.26
C SER A 260 5.86 16.08 3.84
N VAL A 261 5.77 17.00 4.79
CA VAL A 261 5.98 18.43 4.54
C VAL A 261 7.02 18.98 5.51
N ASN A 262 8.01 19.72 5.01
CA ASN A 262 9.16 20.18 5.81
C ASN A 262 9.87 19.03 6.51
N GLY A 263 10.16 17.99 5.74
CA GLY A 263 10.79 16.80 6.25
C GLY A 263 12.31 16.85 6.25
N LYS A 264 12.88 17.89 5.64
CA LYS A 264 14.33 18.03 5.46
C LYS A 264 14.88 16.95 4.53
N GLU A 265 14.05 16.51 3.58
CA GLU A 265 14.35 15.32 2.75
C GLU A 265 15.73 15.39 2.10
N ASP A 266 16.03 16.53 1.46
CA ASP A 266 17.33 16.74 0.81
C ASP A 266 18.48 16.58 1.80
N ALA A 267 18.37 17.25 2.94
CA ALA A 267 19.37 17.15 3.98
C ALA A 267 19.58 15.72 4.50
N ILE A 268 18.50 14.96 4.68
CA ILE A 268 18.65 13.59 5.13
C ILE A 268 19.43 12.77 4.11
N TRP A 269 19.03 12.88 2.84
CA TRP A 269 19.69 12.13 1.77
C TRP A 269 21.14 12.55 1.61
N ASN A 270 21.41 13.84 1.74
CA ASN A 270 22.77 14.31 1.65
C ASN A 270 23.64 13.68 2.74
N LEU A 271 23.11 13.62 3.95
CA LEU A 271 23.75 12.95 5.08
C LEU A 271 24.00 11.47 4.81
N LEU A 272 22.97 10.77 4.31
CA LEU A 272 23.07 9.33 4.10
C LEU A 272 24.02 8.97 2.96
N ARG A 273 23.98 9.74 1.89
CA ARG A 273 24.88 9.51 0.76
C ARG A 273 26.33 9.71 1.22
N GLN A 274 26.53 10.76 2.00
CA GLN A 274 27.86 11.16 2.39
C GLN A 274 28.37 10.27 3.51
N ALA A 275 27.47 9.80 4.37
CA ALA A 275 27.86 8.89 5.43
C ALA A 275 28.16 7.50 4.89
N GLN A 276 27.48 7.12 3.81
CA GLN A 276 27.72 5.84 3.14
C GLN A 276 29.10 5.78 2.48
N GLU A 277 29.48 6.84 1.77
CA GLU A 277 30.75 6.85 1.07
C GLU A 277 31.91 6.85 2.07
N LYS A 278 31.70 7.53 3.19
CA LYS A 278 32.74 7.64 4.20
C LYS A 278 32.74 6.50 5.22
N PHE A 279 31.57 5.95 5.56
CA PHE A 279 31.47 4.93 6.62
C PHE A 279 30.64 3.68 6.29
N GLY A 280 30.42 3.42 4.99
CA GLY A 280 29.74 2.20 4.55
C GLY A 280 30.65 0.99 4.53
N LYS A 281 30.29 -0.03 3.75
CA LYS A 281 30.99 -1.31 3.81
C LYS A 281 32.46 -1.22 3.40
N ASP A 282 33.34 -1.67 4.31
CA ASP A 282 34.81 -1.63 4.13
C ASP A 282 35.41 -0.23 3.90
N LYS A 283 34.68 0.81 4.28
CA LYS A 283 35.06 2.18 3.95
C LYS A 283 36.03 2.79 4.93
N SER A 284 35.92 2.43 6.19
CA SER A 284 36.72 3.03 7.26
C SER A 284 36.93 2.10 8.44
N PRO A 285 38.17 2.05 8.95
CA PRO A 285 38.38 1.27 10.17
C PRO A 285 37.83 2.02 11.39
N LYS A 286 37.74 3.34 11.29
CA LYS A 286 37.40 4.17 12.44
C LYS A 286 35.95 4.08 12.88
N PHE A 287 35.02 4.11 11.93
CA PHE A 287 33.58 4.00 12.23
C PHE A 287 32.77 3.23 11.16
N GLN A 288 31.73 2.52 11.60
CA GLN A 288 30.85 1.78 10.69
C GLN A 288 29.41 2.14 10.88
N LEU A 289 28.81 2.66 9.83
CA LEU A 289 27.42 3.05 9.86
C LEU A 289 26.55 1.80 9.96
N PHE A 290 26.99 0.73 9.30
CA PHE A 290 26.21 -0.51 9.25
C PHE A 290 26.85 -1.60 10.11
N GLY A 291 27.25 -1.23 11.31
CA GLY A 291 27.83 -2.21 12.22
C GLY A 291 27.51 -1.86 13.65
N SER A 292 27.40 -2.89 14.48
CA SER A 292 27.07 -2.71 15.87
C SER A 292 28.12 -3.37 16.74
N PRO A 293 28.38 -2.80 17.92
CA PRO A 293 29.31 -3.49 18.83
C PRO A 293 28.80 -4.89 19.21
N SER A 294 29.71 -5.71 19.73
CA SER A 294 29.36 -7.06 20.19
C SER A 294 28.26 -7.01 21.25
N GLY A 295 27.29 -7.91 21.12
CA GLY A 295 26.16 -7.94 22.05
C GLY A 295 25.02 -6.99 21.73
N GLN A 296 25.15 -6.25 20.63
CA GLN A 296 24.10 -5.37 20.14
C GLN A 296 23.78 -5.75 18.72
N LYS A 297 22.52 -5.57 18.30
CA LYS A 297 22.13 -5.95 16.95
C LYS A 297 21.48 -4.80 16.22
N ASP A 298 21.85 -4.60 14.96
CA ASP A 298 21.14 -3.68 14.07
C ASP A 298 20.81 -2.30 14.66
N LEU A 299 21.82 -1.64 15.24
CA LEU A 299 21.65 -0.29 15.77
C LEU A 299 21.52 0.74 14.65
N LEU A 300 20.38 1.44 14.63
CA LEU A 300 20.05 2.48 13.62
C LEU A 300 19.77 1.94 12.23
N PHE A 301 20.64 1.05 11.75
CA PHE A 301 20.43 0.42 10.45
C PHE A 301 20.76 -1.06 10.56
N LYS A 302 20.22 -1.85 9.63
CA LYS A 302 20.48 -3.29 9.58
C LYS A 302 21.98 -3.53 9.44
N ASP A 303 22.54 -4.47 10.19
CA ASP A 303 24.00 -4.68 10.18
C ASP A 303 24.53 -5.15 8.80
N SER A 304 23.74 -5.98 8.13
CA SER A 304 24.10 -6.53 6.82
C SER A 304 23.70 -5.58 5.68
N ALA A 305 23.17 -4.41 6.02
CA ALA A 305 22.90 -3.38 5.02
C ALA A 305 24.22 -2.91 4.40
N ILE A 306 24.20 -2.60 3.11
CA ILE A 306 25.40 -2.16 2.39
C ILE A 306 25.27 -0.74 1.86
N GLY A 307 24.08 -0.16 1.97
CA GLY A 307 23.86 1.20 1.52
C GLY A 307 22.42 1.63 1.51
N PHE A 308 22.16 2.77 0.86
CA PHE A 308 20.82 3.32 0.79
C PHE A 308 20.44 3.51 -0.64
N SER A 309 19.13 3.56 -0.88
CA SER A 309 18.58 3.88 -2.18
C SER A 309 17.50 4.92 -2.00
N ARG A 310 17.62 6.04 -2.72
CA ARG A 310 16.65 7.13 -2.57
C ARG A 310 15.25 6.73 -3.04
N VAL A 311 14.26 7.12 -2.24
CA VAL A 311 12.86 6.90 -2.60
C VAL A 311 12.37 8.08 -3.43
N PRO A 312 11.99 7.83 -4.71
CA PRO A 312 11.52 8.87 -5.63
C PRO A 312 10.48 9.79 -4.97
N PRO A 313 10.39 11.06 -5.43
CA PRO A 313 9.58 12.08 -4.75
C PRO A 313 8.09 11.75 -4.50
N ARG A 314 7.36 11.29 -5.50
CA ARG A 314 5.89 11.17 -5.37
C ARG A 314 5.40 9.86 -4.73
N ILE A 315 6.22 9.29 -3.86
CA ILE A 315 5.90 8.01 -3.28
C ILE A 315 5.68 8.19 -1.79
N ASP A 316 4.46 7.85 -1.35
CA ASP A 316 4.08 7.87 0.07
C ASP A 316 4.25 6.48 0.67
N SER A 317 3.82 6.30 1.92
CA SER A 317 4.06 5.03 2.60
C SER A 317 3.36 3.86 1.90
N GLY A 318 2.09 4.06 1.54
CA GLY A 318 1.31 3.03 0.85
C GLY A 318 1.95 2.56 -0.43
N LEU A 319 2.39 3.51 -1.26
CA LEU A 319 3.09 3.20 -2.51
C LEU A 319 4.46 2.57 -2.27
N TYR A 320 5.16 3.02 -1.23
CA TYR A 320 6.44 2.39 -0.90
C TYR A 320 6.28 0.91 -0.56
N LEU A 321 5.30 0.57 0.29
CA LEU A 321 5.13 -0.81 0.72
C LEU A 321 4.62 -1.74 -0.37
N GLY A 322 4.19 -1.17 -1.47
CA GLY A 322 3.66 -1.96 -2.58
C GLY A 322 2.24 -2.45 -2.35
N SER A 323 1.43 -2.33 -3.39
CA SER A 323 0.05 -2.83 -3.44
C SER A 323 -0.23 -4.07 -2.58
N GLY A 324 0.53 -5.15 -2.82
CA GLY A 324 0.32 -6.44 -2.18
C GLY A 324 0.41 -6.45 -0.67
N TYR A 325 1.49 -5.93 -0.11
CA TYR A 325 1.68 -5.91 1.35
C TYR A 325 0.78 -4.84 1.99
N PHE A 326 0.65 -3.70 1.33
CA PHE A 326 -0.21 -2.62 1.81
C PHE A 326 -1.67 -3.05 1.90
N THR A 327 -2.16 -3.79 0.90
CA THR A 327 -3.53 -4.32 0.97
C THR A 327 -3.65 -5.34 2.11
N ALA A 328 -2.60 -6.14 2.30
CA ALA A 328 -2.59 -7.24 3.28
C ALA A 328 -2.71 -6.77 4.73
N ILE A 329 -1.95 -5.74 5.08
CA ILE A 329 -2.05 -5.12 6.40
C ILE A 329 -3.49 -4.66 6.66
N GLN A 330 -4.05 -3.89 5.72
CA GLN A 330 -5.40 -3.35 5.89
C GLN A 330 -6.39 -4.48 6.09
N ASN A 331 -6.15 -5.56 5.37
CA ASN A 331 -6.97 -6.76 5.43
C ASN A 331 -6.85 -7.46 6.77
N LEU A 332 -5.67 -7.35 7.38
CA LEU A 332 -5.39 -7.94 8.69
C LEU A 332 -6.03 -7.14 9.83
N ARG A 333 -6.49 -5.92 9.54
CA ARG A 333 -7.02 -5.02 10.58
C ARG A 333 -8.51 -4.64 10.43
N ARG B 3 -14.64 -23.65 -18.14
CA ARG B 3 -15.68 -22.68 -17.68
C ARG B 3 -16.79 -23.37 -16.88
N ARG B 4 -17.14 -22.78 -15.73
CA ARG B 4 -18.14 -23.37 -14.84
C ARG B 4 -19.50 -22.68 -15.00
N ARG B 5 -20.52 -23.23 -14.34
CA ARG B 5 -21.89 -22.72 -14.43
C ARG B 5 -22.26 -21.57 -13.46
N SER B 6 -21.34 -21.22 -12.56
CA SER B 6 -21.47 -20.05 -11.66
C SER B 6 -21.22 -18.72 -12.38
N VAL B 7 -21.41 -17.61 -11.68
CA VAL B 7 -21.19 -16.29 -12.29
C VAL B 7 -19.72 -15.91 -12.26
N GLN B 8 -19.17 -15.54 -13.42
CA GLN B 8 -17.76 -15.21 -13.51
C GLN B 8 -17.55 -13.72 -13.84
N TRP B 9 -16.86 -13.04 -12.92
CA TRP B 9 -16.75 -11.59 -12.96
C TRP B 9 -15.43 -11.15 -13.54
N CYS B 10 -15.44 -10.01 -14.21
CA CYS B 10 -14.28 -9.54 -14.92
C CYS B 10 -13.54 -8.41 -14.19
N ALA B 11 -12.26 -8.64 -13.90
CA ALA B 11 -11.40 -7.65 -13.25
C ALA B 11 -10.45 -6.98 -14.24
N VAL B 12 -10.33 -5.66 -14.16
CA VAL B 12 -9.49 -4.94 -15.10
C VAL B 12 -8.06 -4.66 -14.59
N SER B 13 -7.70 -5.19 -13.42
CA SER B 13 -6.40 -4.90 -12.78
C SER B 13 -6.13 -5.82 -11.58
N GLN B 14 -4.85 -6.01 -11.24
CA GLN B 14 -4.49 -6.87 -10.10
C GLN B 14 -5.22 -6.52 -8.78
N PRO B 15 -5.27 -5.22 -8.41
CA PRO B 15 -6.07 -4.86 -7.23
C PRO B 15 -7.54 -5.26 -7.30
N GLU B 16 -8.16 -5.13 -8.48
CA GLU B 16 -9.53 -5.58 -8.65
C GLU B 16 -9.62 -7.06 -8.41
N ALA B 17 -8.75 -7.83 -9.06
CA ALA B 17 -8.74 -9.28 -8.85
C ALA B 17 -8.71 -9.63 -7.35
N THR B 18 -7.91 -8.91 -6.56
CA THR B 18 -7.77 -9.16 -5.13
C THR B 18 -9.07 -8.96 -4.38
N LYS B 19 -9.80 -7.90 -4.73
CA LYS B 19 -11.05 -7.58 -4.06
C LYS B 19 -12.06 -8.64 -4.44
N CYS B 20 -11.94 -9.10 -5.67
CA CYS B 20 -12.87 -10.01 -6.25
C CYS B 20 -12.67 -11.42 -5.68
N PHE B 21 -11.42 -11.79 -5.40
CA PHE B 21 -11.14 -13.01 -4.64
C PHE B 21 -11.79 -12.96 -3.26
N GLN B 22 -11.71 -11.78 -2.63
CA GLN B 22 -12.27 -11.58 -1.29
C GLN B 22 -13.78 -11.69 -1.33
N TRP B 23 -14.36 -11.21 -2.42
CA TRP B 23 -15.79 -11.31 -2.63
C TRP B 23 -16.20 -12.80 -2.71
N GLN B 24 -15.42 -13.58 -3.46
CA GLN B 24 -15.62 -15.03 -3.52
C GLN B 24 -15.51 -15.74 -2.16
N ARG B 25 -14.46 -15.46 -1.38
CA ARG B 25 -14.29 -16.10 -0.06
C ARG B 25 -15.48 -15.81 0.83
N ASN B 26 -15.99 -14.59 0.77
CA ASN B 26 -17.08 -14.17 1.64
C ASN B 26 -18.45 -14.70 1.25
N MET B 27 -18.74 -14.75 -0.04
CA MET B 27 -20.02 -15.27 -0.50
C MET B 27 -20.16 -16.74 -0.13
N ARG B 28 -19.03 -17.45 -0.17
CA ARG B 28 -18.98 -18.86 0.18
C ARG B 28 -19.14 -19.05 1.68
N ARG B 29 -18.45 -18.20 2.46
CA ARG B 29 -18.49 -18.23 3.93
C ARG B 29 -19.88 -18.04 4.50
N VAL B 30 -20.74 -17.33 3.77
CA VAL B 30 -22.12 -17.06 4.22
C VAL B 30 -23.22 -17.73 3.39
N ARG B 31 -22.83 -18.76 2.62
CA ARG B 31 -23.76 -19.63 1.89
C ARG B 31 -24.62 -18.92 0.84
N GLY B 32 -24.09 -17.85 0.25
CA GLY B 32 -24.77 -17.13 -0.83
C GLY B 32 -24.32 -17.62 -2.20
N PRO B 33 -24.80 -16.98 -3.28
CA PRO B 33 -24.43 -17.35 -4.65
C PRO B 33 -22.93 -17.19 -4.88
N PRO B 34 -22.32 -18.09 -5.66
CA PRO B 34 -20.86 -18.00 -5.88
C PRO B 34 -20.46 -17.04 -6.99
N VAL B 35 -19.34 -16.35 -6.78
CA VAL B 35 -18.70 -15.52 -7.80
C VAL B 35 -17.21 -15.89 -7.92
N SER B 36 -16.67 -15.93 -9.13
CA SER B 36 -15.24 -16.14 -9.32
C SER B 36 -14.74 -15.04 -10.25
N CYS B 37 -13.43 -14.98 -10.48
CA CYS B 37 -12.86 -13.84 -11.20
C CYS B 37 -11.98 -14.21 -12.39
N ILE B 38 -12.12 -13.41 -13.44
CA ILE B 38 -11.31 -13.52 -14.63
C ILE B 38 -10.49 -12.25 -14.71
N LYS B 39 -9.20 -12.37 -15.02
CA LYS B 39 -8.31 -11.20 -15.06
C LYS B 39 -8.02 -10.70 -16.48
N ARG B 40 -8.29 -9.41 -16.69
CA ARG B 40 -7.99 -8.73 -17.94
C ARG B 40 -7.37 -7.37 -17.63
N ASP B 41 -6.99 -6.62 -18.67
CA ASP B 41 -6.24 -5.36 -18.52
C ASP B 41 -7.00 -4.12 -18.90
N SER B 42 -8.15 -4.28 -19.56
CA SER B 42 -8.92 -3.14 -20.03
C SER B 42 -10.39 -3.49 -20.15
N PRO B 43 -11.27 -2.48 -19.98
CA PRO B 43 -12.70 -2.71 -20.19
C PRO B 43 -12.97 -3.48 -21.50
N ILE B 44 -12.28 -3.09 -22.58
CA ILE B 44 -12.46 -3.75 -23.88
C ILE B 44 -12.20 -5.25 -23.77
N GLN B 45 -11.10 -5.61 -23.12
CA GLN B 45 -10.73 -7.01 -22.95
C GLN B 45 -11.77 -7.76 -22.12
N CYS B 46 -12.36 -7.06 -21.15
CA CYS B 46 -13.45 -7.61 -20.38
C CYS B 46 -14.74 -7.76 -21.19
N ILE B 47 -15.02 -6.83 -22.09
CA ILE B 47 -16.17 -6.90 -23.00
C ILE B 47 -16.00 -8.07 -23.96
N GLN B 48 -14.82 -8.21 -24.55
CA GLN B 48 -14.51 -9.33 -25.45
C GLN B 48 -14.58 -10.67 -24.73
N ALA B 49 -14.16 -10.68 -23.47
CA ALA B 49 -14.18 -11.89 -22.66
C ALA B 49 -15.61 -12.34 -22.45
N ILE B 50 -16.49 -11.40 -22.10
CA ILE B 50 -17.90 -11.76 -21.90
C ILE B 50 -18.57 -12.16 -23.23
N ALA B 51 -18.28 -11.42 -24.29
CA ALA B 51 -18.77 -11.74 -25.64
C ALA B 51 -18.38 -13.15 -26.04
N GLU B 52 -17.13 -13.53 -25.75
CA GLU B 52 -16.59 -14.80 -26.21
C GLU B 52 -16.77 -15.95 -25.22
N ASN B 53 -17.57 -15.71 -24.19
CA ASN B 53 -17.92 -16.72 -23.20
C ASN B 53 -16.72 -17.17 -22.36
N ARG B 54 -15.93 -16.20 -21.93
CA ARG B 54 -14.86 -16.44 -20.98
C ARG B 54 -15.22 -15.82 -19.64
N ALA B 55 -16.13 -14.86 -19.67
CA ALA B 55 -16.65 -14.22 -18.46
C ALA B 55 -18.13 -13.92 -18.64
N ASP B 56 -18.79 -13.48 -17.59
CA ASP B 56 -20.22 -13.23 -17.63
C ASP B 56 -20.60 -11.78 -17.32
N ALA B 57 -19.84 -11.11 -16.47
CA ALA B 57 -20.25 -9.81 -15.97
C ALA B 57 -19.12 -8.84 -15.62
N VAL B 58 -19.40 -7.54 -15.81
CA VAL B 58 -18.49 -6.43 -15.48
C VAL B 58 -19.27 -5.10 -15.42
N THR B 59 -18.87 -4.21 -14.50
CA THR B 59 -19.41 -2.84 -14.44
C THR B 59 -18.61 -1.89 -15.35
N LEU B 60 -19.36 -1.17 -16.20
CA LEU B 60 -18.77 -0.28 -17.19
C LEU B 60 -19.37 1.08 -17.08
N ASP B 61 -18.56 2.10 -17.39
CA ASP B 61 -19.02 3.46 -17.55
C ASP B 61 -19.88 3.53 -18.81
N GLY B 62 -20.73 4.55 -18.89
CA GLY B 62 -21.64 4.71 -20.03
C GLY B 62 -20.95 4.70 -21.38
N GLY B 63 -19.73 5.25 -21.42
CA GLY B 63 -18.94 5.29 -22.64
C GLY B 63 -18.64 3.89 -23.16
N PHE B 64 -18.36 2.98 -22.23
CA PHE B 64 -18.07 1.59 -22.59
C PHE B 64 -19.30 0.69 -22.67
N ILE B 65 -20.39 1.11 -22.04
CA ILE B 65 -21.69 0.47 -22.26
C ILE B 65 -22.08 0.65 -23.73
N TYR B 66 -21.89 1.86 -24.26
CA TYR B 66 -22.12 2.12 -25.67
C TYR B 66 -21.23 1.24 -26.53
N GLU B 67 -19.96 1.19 -26.17
CA GLU B 67 -18.99 0.36 -26.88
C GLU B 67 -19.36 -1.12 -26.88
N ALA B 68 -19.82 -1.60 -25.72
CA ALA B 68 -20.15 -3.02 -25.51
C ALA B 68 -21.47 -3.41 -26.16
N GLY B 69 -22.27 -2.42 -26.52
CA GLY B 69 -23.49 -2.66 -27.25
C GLY B 69 -23.29 -3.00 -28.72
N LEU B 70 -22.16 -2.58 -29.30
CA LEU B 70 -21.92 -2.75 -30.73
C LEU B 70 -21.60 -4.19 -31.12
N ALA B 71 -21.63 -4.48 -32.41
CA ALA B 71 -21.15 -5.76 -32.92
C ALA B 71 -19.61 -5.82 -32.82
N PRO B 72 -19.04 -7.02 -32.60
CA PRO B 72 -19.72 -8.31 -32.49
C PRO B 72 -20.02 -8.69 -31.03
N TYR B 73 -20.10 -7.69 -30.17
CA TYR B 73 -20.30 -7.94 -28.74
C TYR B 73 -21.77 -8.05 -28.34
N LYS B 74 -22.56 -7.01 -28.60
CA LYS B 74 -24.00 -7.00 -28.30
C LYS B 74 -24.28 -7.42 -26.85
N LEU B 75 -23.68 -6.65 -25.93
CA LEU B 75 -23.86 -6.88 -24.52
C LEU B 75 -24.90 -5.87 -24.07
N ARG B 76 -25.64 -6.21 -23.02
CA ARG B 76 -26.64 -5.31 -22.52
C ARG B 76 -26.41 -5.08 -21.03
N PRO B 77 -26.83 -3.91 -20.52
CA PRO B 77 -26.76 -3.71 -19.10
C PRO B 77 -27.87 -4.49 -18.42
N VAL B 78 -27.56 -5.03 -17.25
CA VAL B 78 -28.49 -5.86 -16.49
C VAL B 78 -28.83 -5.25 -15.12
N ALA B 79 -27.90 -4.45 -14.59
CA ALA B 79 -28.07 -3.83 -13.29
C ALA B 79 -27.33 -2.51 -13.19
N ALA B 80 -28.06 -1.46 -12.86
CA ALA B 80 -27.47 -0.13 -12.69
C ALA B 80 -26.92 0.06 -11.27
N GLU B 81 -25.85 0.84 -11.15
CA GLU B 81 -25.42 1.28 -9.82
C GLU B 81 -26.38 2.34 -9.32
N VAL B 82 -26.66 2.30 -8.03
CA VAL B 82 -27.49 3.27 -7.38
C VAL B 82 -26.57 4.16 -6.57
N TYR B 83 -26.55 5.46 -6.85
CA TYR B 83 -25.76 6.39 -6.04
C TYR B 83 -26.65 7.15 -5.05
N GLY B 84 -26.05 8.08 -4.31
CA GLY B 84 -26.77 8.96 -3.37
C GLY B 84 -26.85 8.40 -1.98
N THR B 85 -28.05 8.41 -1.41
CA THR B 85 -28.26 7.89 -0.05
C THR B 85 -29.47 6.98 0.00
N GLU B 86 -29.51 6.11 1.01
CA GLU B 86 -30.61 5.13 1.12
C GLU B 86 -32.00 5.81 1.00
N ARG B 87 -32.10 7.05 1.47
CA ARG B 87 -33.37 7.79 1.49
C ARG B 87 -33.61 8.67 0.26
N GLN B 88 -32.52 9.12 -0.37
CA GLN B 88 -32.61 9.89 -1.60
C GLN B 88 -31.65 9.25 -2.65
N PRO B 89 -32.11 8.16 -3.30
CA PRO B 89 -31.27 7.34 -4.19
C PRO B 89 -31.28 7.81 -5.64
N ARG B 90 -30.13 7.70 -6.30
CA ARG B 90 -29.96 8.22 -7.65
C ARG B 90 -29.46 7.15 -8.63
N THR B 91 -30.04 7.13 -9.83
CA THR B 91 -29.62 6.22 -10.89
C THR B 91 -28.98 6.99 -12.05
N HIS B 92 -28.85 8.30 -11.86
CA HIS B 92 -28.24 9.18 -12.84
C HIS B 92 -27.11 9.92 -12.13
N TYR B 93 -26.24 10.57 -12.90
CA TYR B 93 -25.24 11.47 -12.33
C TYR B 93 -24.95 12.62 -13.28
N TYR B 94 -24.42 13.71 -12.74
CA TYR B 94 -24.09 14.87 -13.56
C TYR B 94 -22.62 14.88 -13.91
N ALA B 95 -22.34 15.06 -15.20
CA ALA B 95 -21.00 15.35 -15.65
C ALA B 95 -20.79 16.85 -15.51
N VAL B 96 -19.68 17.23 -14.89
CA VAL B 96 -19.36 18.65 -14.69
C VAL B 96 -17.96 19.03 -15.19
N ALA B 97 -17.71 20.33 -15.31
CA ALA B 97 -16.37 20.84 -15.55
C ALA B 97 -15.89 21.69 -14.37
N VAL B 98 -14.88 21.17 -13.66
CA VAL B 98 -14.38 21.76 -12.41
C VAL B 98 -13.16 22.63 -12.68
N VAL B 99 -13.20 23.86 -12.18
CA VAL B 99 -12.12 24.83 -12.38
C VAL B 99 -11.66 25.44 -11.05
N LYS B 100 -10.46 26.00 -11.03
CA LYS B 100 -10.00 26.74 -9.85
C LYS B 100 -10.65 28.12 -9.80
N LYS B 101 -11.13 28.50 -8.61
CA LYS B 101 -11.74 29.81 -8.40
C LYS B 101 -10.68 30.91 -8.52
N GLY B 102 -11.10 32.08 -8.99
CA GLY B 102 -10.18 33.21 -9.16
C GLY B 102 -10.07 33.66 -10.60
N GLY B 103 -10.05 32.71 -11.53
CA GLY B 103 -9.97 32.99 -12.97
C GLY B 103 -11.29 33.47 -13.54
N SER B 104 -11.29 33.82 -14.83
CA SER B 104 -12.50 34.38 -15.44
C SER B 104 -12.89 33.70 -16.77
N PHE B 105 -12.20 32.62 -17.13
CA PHE B 105 -12.55 31.90 -18.35
C PHE B 105 -13.83 31.11 -18.19
N GLN B 106 -14.65 31.14 -19.22
CA GLN B 106 -15.92 30.42 -19.24
C GLN B 106 -15.81 29.19 -20.14
N LEU B 107 -16.89 28.43 -20.23
CA LEU B 107 -16.89 27.24 -21.08
C LEU B 107 -16.48 27.54 -22.53
N ASN B 108 -16.86 28.71 -23.04
CA ASN B 108 -16.54 29.11 -24.41
C ASN B 108 -15.10 29.61 -24.60
N GLU B 109 -14.37 29.76 -23.51
CA GLU B 109 -13.02 30.32 -23.55
C GLU B 109 -11.96 29.28 -23.16
N LEU B 110 -12.21 28.02 -23.49
CA LEU B 110 -11.30 26.95 -23.07
C LEU B 110 -10.13 26.69 -24.01
N GLN B 111 -10.10 27.39 -25.14
CA GLN B 111 -9.06 27.17 -26.13
C GLN B 111 -7.68 27.59 -25.61
N GLY B 112 -6.67 26.78 -25.93
CA GLY B 112 -5.30 27.03 -25.51
C GLY B 112 -5.05 26.86 -24.02
N LEU B 113 -6.01 26.25 -23.32
CA LEU B 113 -5.83 25.98 -21.91
C LEU B 113 -5.59 24.49 -21.67
N LYS B 114 -5.23 24.13 -20.44
CA LYS B 114 -4.84 22.77 -20.11
C LYS B 114 -5.97 21.97 -19.47
N SER B 115 -6.32 20.82 -20.05
CA SER B 115 -7.45 20.02 -19.54
C SER B 115 -7.08 18.71 -18.85
N CYS B 116 -7.97 18.23 -17.98
CA CYS B 116 -7.81 16.94 -17.35
C CYS B 116 -9.06 16.12 -17.61
N HIS B 117 -8.87 14.90 -18.09
CA HIS B 117 -9.96 14.00 -18.44
C HIS B 117 -9.78 12.66 -17.72
N THR B 118 -10.89 12.00 -17.41
CA THR B 118 -10.87 10.71 -16.72
C THR B 118 -10.20 9.63 -17.57
N GLY B 119 -10.37 9.73 -18.88
CA GLY B 119 -9.86 8.75 -19.83
C GLY B 119 -10.62 8.76 -21.14
N LEU B 120 -9.95 8.32 -22.20
CA LEU B 120 -10.53 8.30 -23.54
C LEU B 120 -11.80 7.46 -23.61
N ARG B 121 -12.83 8.06 -24.20
CA ARG B 121 -14.16 7.45 -24.43
C ARG B 121 -15.04 7.22 -23.20
N ARG B 122 -14.64 7.78 -22.05
CA ARG B 122 -15.52 7.77 -20.86
C ARG B 122 -16.56 8.88 -20.96
N THR B 123 -17.57 8.83 -20.10
CA THR B 123 -18.73 9.72 -20.19
C THR B 123 -18.46 11.15 -19.74
N ALA B 124 -18.15 11.35 -18.46
CA ALA B 124 -17.86 12.66 -17.93
C ALA B 124 -16.54 13.23 -18.41
N GLY B 125 -15.60 12.32 -18.72
CA GLY B 125 -14.22 12.68 -19.06
C GLY B 125 -13.92 13.01 -20.50
N TRP B 126 -14.70 12.43 -21.43
CA TRP B 126 -14.44 12.63 -22.85
C TRP B 126 -15.73 12.92 -23.63
N ASN B 127 -16.65 11.95 -23.64
CA ASN B 127 -17.87 12.01 -24.45
C ASN B 127 -18.71 13.26 -24.23
N VAL B 128 -18.82 13.71 -22.97
CA VAL B 128 -19.59 14.90 -22.69
C VAL B 128 -18.84 16.20 -23.04
N PRO B 129 -17.65 16.44 -22.45
CA PRO B 129 -16.90 17.64 -22.83
C PRO B 129 -16.63 17.73 -24.34
N ILE B 130 -16.11 16.66 -24.95
CA ILE B 130 -15.78 16.71 -26.37
C ILE B 130 -17.02 16.85 -27.24
N GLY B 131 -18.12 16.20 -26.84
CA GLY B 131 -19.40 16.45 -27.49
C GLY B 131 -19.83 17.90 -27.36
N THR B 132 -19.62 18.45 -26.16
CA THR B 132 -19.96 19.84 -25.83
C THR B 132 -19.09 20.87 -26.57
N LEU B 133 -17.82 20.54 -26.80
CA LEU B 133 -16.89 21.51 -27.35
C LEU B 133 -16.68 21.37 -28.86
N ARG B 134 -17.25 20.32 -29.45
CA ARG B 134 -17.03 20.00 -30.87
C ARG B 134 -17.22 21.19 -31.84
N PRO B 135 -18.26 22.02 -31.62
CA PRO B 135 -18.42 23.23 -32.44
C PRO B 135 -17.33 24.30 -32.27
N PHE B 136 -16.37 24.09 -31.36
CA PHE B 136 -15.22 24.99 -31.24
C PHE B 136 -13.95 24.35 -31.80
N LEU B 137 -14.01 23.05 -32.05
CA LEU B 137 -12.83 22.26 -32.39
C LEU B 137 -12.32 22.46 -33.81
N ASN B 138 -13.16 23.05 -34.65
CA ASN B 138 -12.88 23.19 -36.09
C ASN B 138 -12.52 21.82 -36.70
N TRP B 139 -13.29 20.80 -36.34
CA TRP B 139 -13.00 19.42 -36.76
C TRP B 139 -13.55 19.08 -38.16
N THR B 140 -12.74 18.43 -38.98
CA THR B 140 -13.09 18.14 -40.38
C THR B 140 -13.69 16.75 -40.62
N GLY B 141 -13.65 15.88 -39.61
CA GLY B 141 -14.06 14.47 -39.74
C GLY B 141 -12.92 13.63 -40.30
N PRO B 142 -13.18 12.33 -40.62
CA PRO B 142 -12.14 11.48 -41.26
C PRO B 142 -11.62 12.10 -42.56
N PRO B 143 -10.33 11.85 -42.91
CA PRO B 143 -9.37 10.95 -42.27
C PRO B 143 -8.96 11.37 -40.86
N GLU B 144 -9.13 12.65 -40.53
CA GLU B 144 -8.74 13.18 -39.22
C GLU B 144 -9.54 12.54 -38.08
N PRO B 145 -8.83 11.92 -37.11
CA PRO B 145 -9.51 11.43 -35.91
C PRO B 145 -9.81 12.61 -35.00
N ILE B 146 -10.88 12.52 -34.23
CA ILE B 146 -11.27 13.63 -33.35
C ILE B 146 -10.16 14.00 -32.35
N GLU B 147 -9.30 13.04 -32.04
CA GLU B 147 -8.22 13.25 -31.10
C GLU B 147 -7.26 14.37 -31.55
N ALA B 148 -7.06 14.48 -32.86
CA ALA B 148 -6.16 15.50 -33.41
C ALA B 148 -6.69 16.92 -33.21
N ALA B 149 -7.98 17.11 -33.42
CA ALA B 149 -8.62 18.41 -33.28
C ALA B 149 -8.64 18.87 -31.82
N VAL B 150 -8.84 17.92 -30.91
CA VAL B 150 -8.76 18.16 -29.46
C VAL B 150 -7.32 18.50 -29.07
N ALA B 151 -6.37 17.79 -29.67
CA ALA B 151 -4.94 18.03 -29.45
C ALA B 151 -4.49 19.39 -29.96
N ARG B 152 -5.22 19.94 -30.93
CA ARG B 152 -4.97 21.30 -31.40
C ARG B 152 -5.66 22.32 -30.49
N PHE B 153 -6.82 21.95 -29.94
CA PHE B 153 -7.66 22.86 -29.15
C PHE B 153 -7.07 23.24 -27.80
N PHE B 154 -6.71 22.25 -26.99
CA PHE B 154 -6.03 22.49 -25.71
C PHE B 154 -4.52 22.57 -25.93
N SER B 155 -3.84 23.41 -25.15
CA SER B 155 -2.38 23.53 -25.29
C SER B 155 -1.70 22.26 -24.83
N ALA B 156 -2.32 21.60 -23.84
CA ALA B 156 -1.87 20.33 -23.30
C ALA B 156 -3.05 19.71 -22.56
N SER B 157 -2.97 18.41 -22.29
CA SER B 157 -4.00 17.71 -21.52
C SER B 157 -3.57 16.32 -21.06
N CYS B 158 -4.28 15.79 -20.06
CA CYS B 158 -4.17 14.38 -19.75
C CYS B 158 -5.45 13.67 -20.18
N VAL B 159 -5.29 12.71 -21.08
CA VAL B 159 -6.38 11.88 -21.59
C VAL B 159 -5.88 10.44 -21.53
N PRO B 160 -6.04 9.78 -20.37
CA PRO B 160 -5.55 8.41 -20.20
C PRO B 160 -6.15 7.50 -21.26
N GLY B 161 -5.32 6.63 -21.80
CA GLY B 161 -5.76 5.72 -22.84
C GLY B 161 -5.49 6.24 -24.24
N ALA B 162 -5.32 7.57 -24.35
CA ALA B 162 -5.01 8.20 -25.63
C ALA B 162 -3.74 7.61 -26.23
N ASP B 163 -3.76 7.40 -27.54
CA ASP B 163 -2.58 6.94 -28.26
C ASP B 163 -1.48 7.97 -28.11
N LYS B 164 -0.37 7.57 -27.49
CA LYS B 164 0.73 8.48 -27.20
C LYS B 164 1.60 8.70 -28.43
N GLY B 165 1.60 7.72 -29.34
CA GLY B 165 2.34 7.79 -30.59
C GLY B 165 1.86 8.85 -31.56
N GLN B 166 0.54 9.06 -31.65
CA GLN B 166 -0.02 10.02 -32.63
C GLN B 166 -0.48 11.32 -31.99
N PHE B 167 -0.78 11.28 -30.69
CA PHE B 167 -1.30 12.46 -30.00
C PHE B 167 -0.51 12.71 -28.71
N PRO B 168 0.78 13.08 -28.82
CA PRO B 168 1.58 13.21 -27.60
C PRO B 168 1.11 14.37 -26.74
N ASN B 169 0.27 15.21 -27.32
CA ASN B 169 -0.21 16.44 -26.69
C ASN B 169 -1.42 16.19 -25.78
N LEU B 170 -2.00 15.00 -25.91
CA LEU B 170 -3.09 14.56 -25.05
C LEU B 170 -2.54 13.78 -23.87
N CYS B 171 -1.23 13.56 -23.86
CA CYS B 171 -0.61 12.81 -22.77
C CYS B 171 0.40 13.62 -21.98
N ARG B 172 0.79 14.77 -22.53
CA ARG B 172 1.85 15.60 -21.95
C ARG B 172 1.62 15.86 -20.47
N LEU B 173 0.38 16.19 -20.11
CA LEU B 173 0.01 16.56 -18.74
C LEU B 173 -0.01 15.43 -17.72
N CYS B 174 0.02 14.19 -18.18
CA CYS B 174 -0.12 13.04 -17.30
C CYS B 174 1.05 12.84 -16.32
N ALA B 175 0.78 12.14 -15.22
CA ALA B 175 1.73 12.02 -14.12
C ALA B 175 2.42 10.66 -14.04
N GLY B 176 1.97 9.71 -14.85
CA GLY B 176 2.52 8.36 -14.81
C GLY B 176 4.01 8.28 -15.07
N THR B 177 4.64 7.21 -14.57
CA THR B 177 6.07 7.01 -14.73
C THR B 177 6.35 6.12 -15.94
N GLY B 178 7.30 6.56 -16.78
CA GLY B 178 7.75 5.78 -17.95
C GLY B 178 6.63 5.24 -18.83
N GLU B 179 6.59 3.92 -18.98
CA GLU B 179 5.59 3.27 -19.85
C GLU B 179 4.21 3.22 -19.24
N ASN B 180 4.06 3.78 -18.03
CA ASN B 180 2.76 3.90 -17.39
C ASN B 180 2.17 5.29 -17.53
N LYS B 181 2.93 6.20 -18.16
CA LYS B 181 2.44 7.54 -18.43
C LYS B 181 1.26 7.48 -19.39
N CYS B 182 0.16 8.11 -19.00
CA CYS B 182 -1.05 8.21 -19.85
C CYS B 182 -1.74 6.86 -20.11
N ALA B 183 -1.44 5.87 -19.28
CA ALA B 183 -2.06 4.55 -19.34
C ALA B 183 -3.50 4.59 -18.86
N PHE B 184 -4.34 3.75 -19.44
CA PHE B 184 -5.75 3.69 -19.03
C PHE B 184 -5.93 2.81 -17.79
N SER B 185 -5.37 3.24 -16.66
CA SER B 185 -5.39 2.43 -15.42
C SER B 185 -4.85 3.22 -14.22
N SER B 186 -4.95 2.61 -13.03
CA SER B 186 -4.50 3.23 -11.78
C SER B 186 -3.00 3.50 -11.72
N GLN B 187 -2.24 2.83 -12.57
CA GLN B 187 -0.81 3.10 -12.75
C GLN B 187 -0.56 4.59 -13.12
N GLU B 188 -1.53 5.19 -13.81
CA GLU B 188 -1.49 6.62 -14.08
C GLU B 188 -2.25 7.30 -12.95
N PRO B 189 -1.55 8.10 -12.12
CA PRO B 189 -2.23 8.72 -10.98
C PRO B 189 -3.33 9.71 -11.37
N TYR B 190 -3.37 10.17 -12.62
CA TYR B 190 -4.44 11.06 -13.06
C TYR B 190 -5.61 10.36 -13.77
N PHE B 191 -5.68 9.03 -13.63
CA PHE B 191 -6.73 8.23 -14.26
C PHE B 191 -8.01 8.26 -13.45
N SER B 192 -9.13 8.15 -14.17
CA SER B 192 -10.48 8.17 -13.61
C SER B 192 -10.86 9.46 -12.88
N TYR B 193 -12.10 9.51 -12.40
CA TYR B 193 -12.65 10.69 -11.74
C TYR B 193 -11.65 11.36 -10.82
N SER B 194 -11.25 10.63 -9.79
CA SER B 194 -10.35 11.13 -8.76
C SER B 194 -9.00 11.63 -9.31
N GLY B 195 -8.49 10.90 -10.30
CA GLY B 195 -7.20 11.22 -10.89
C GLY B 195 -7.26 12.52 -11.65
N ALA B 196 -8.36 12.73 -12.36
CA ALA B 196 -8.51 13.95 -13.16
C ALA B 196 -8.66 15.17 -12.26
N PHE B 197 -9.43 15.04 -11.18
CA PHE B 197 -9.51 16.12 -10.20
C PHE B 197 -8.11 16.45 -9.64
N LYS B 198 -7.33 15.41 -9.36
CA LYS B 198 -5.98 15.58 -8.86
C LYS B 198 -5.10 16.31 -9.86
N CYS B 199 -5.25 15.97 -11.13
CA CYS B 199 -4.58 16.67 -12.22
C CYS B 199 -4.79 18.18 -12.16
N LEU B 200 -5.96 18.58 -11.65
CA LEU B 200 -6.29 20.00 -11.47
C LEU B 200 -5.77 20.59 -10.17
N ARG B 201 -5.95 19.85 -9.07
CA ARG B 201 -5.54 20.31 -7.74
C ARG B 201 -4.05 20.65 -7.66
N ASP B 202 -3.21 19.86 -8.34
CA ASP B 202 -1.75 20.04 -8.33
C ASP B 202 -1.32 21.30 -9.08
N GLY B 203 -2.18 21.78 -9.96
CA GLY B 203 -1.93 22.99 -10.71
C GLY B 203 -1.53 22.66 -12.13
N ALA B 204 -1.48 21.38 -12.44
CA ALA B 204 -1.04 20.92 -13.74
C ALA B 204 -2.03 21.28 -14.85
N GLY B 205 -3.32 21.26 -14.53
CA GLY B 205 -4.36 21.60 -15.49
C GLY B 205 -5.21 22.79 -15.09
N ASP B 206 -6.12 23.20 -15.96
CA ASP B 206 -6.99 24.34 -15.70
C ASP B 206 -8.46 23.92 -15.56
N VAL B 207 -8.81 22.76 -16.08
CA VAL B 207 -10.20 22.28 -16.08
C VAL B 207 -10.26 20.76 -15.97
N ALA B 208 -11.11 20.29 -15.06
CA ALA B 208 -11.28 18.87 -14.79
C ALA B 208 -12.67 18.46 -15.24
N PHE B 209 -12.74 17.51 -16.17
CA PHE B 209 -14.00 16.95 -16.66
C PHE B 209 -14.32 15.69 -15.91
N ILE B 210 -15.19 15.82 -14.91
CA ILE B 210 -15.49 14.73 -14.00
C ILE B 210 -16.97 14.76 -13.63
N ARG B 211 -17.33 13.98 -12.62
CA ARG B 211 -18.69 13.79 -12.14
C ARG B 211 -18.89 14.66 -10.88
N GLU B 212 -20.13 15.07 -10.60
CA GLU B 212 -20.42 16.00 -9.49
C GLU B 212 -19.89 15.61 -8.13
N SER B 213 -20.10 14.37 -7.71
CA SER B 213 -19.75 13.95 -6.36
C SER B 213 -18.24 13.82 -6.08
N THR B 214 -17.40 14.05 -7.08
CA THR B 214 -15.96 13.87 -6.90
C THR B 214 -15.36 14.92 -5.96
N VAL B 215 -15.60 16.19 -6.27
CA VAL B 215 -15.09 17.27 -5.42
C VAL B 215 -15.45 17.05 -3.94
N PHE B 216 -16.62 16.48 -3.66
CA PHE B 216 -17.08 16.23 -2.29
C PHE B 216 -16.42 15.01 -1.65
N GLU B 217 -16.09 14.03 -2.48
CA GLU B 217 -15.44 12.81 -2.05
C GLU B 217 -13.96 13.05 -1.74
N ASP B 218 -13.32 13.88 -2.55
CA ASP B 218 -11.88 14.10 -2.40
C ASP B 218 -11.56 15.15 -1.35
N LEU B 219 -12.43 16.15 -1.21
CA LEU B 219 -12.22 17.23 -0.26
C LEU B 219 -13.36 17.35 0.75
N SER B 220 -13.07 16.94 1.98
CA SER B 220 -14.06 16.87 3.05
C SER B 220 -14.19 18.18 3.82
N ASP B 221 -13.39 19.18 3.47
CA ASP B 221 -13.49 20.47 4.13
C ASP B 221 -14.11 21.56 3.25
N GLU B 222 -15.18 22.17 3.75
CA GLU B 222 -15.93 23.23 3.05
C GLU B 222 -15.06 24.40 2.59
N ALA B 223 -14.05 24.74 3.39
CA ALA B 223 -13.15 25.85 3.07
C ALA B 223 -12.29 25.54 1.84
N GLU B 224 -12.04 24.26 1.59
CA GLU B 224 -11.26 23.84 0.43
C GLU B 224 -12.13 23.78 -0.82
N ARG B 225 -13.38 23.37 -0.66
CA ARG B 225 -14.31 23.30 -1.79
C ARG B 225 -14.77 24.68 -2.24
N ASP B 226 -14.66 25.67 -1.35
CA ASP B 226 -14.86 27.08 -1.68
C ASP B 226 -13.80 27.59 -2.65
N GLU B 227 -12.70 26.85 -2.78
CA GLU B 227 -11.60 27.21 -3.68
C GLU B 227 -11.82 26.71 -5.10
N TYR B 228 -12.94 26.01 -5.31
CA TYR B 228 -13.26 25.45 -6.62
C TYR B 228 -14.62 25.91 -7.14
N GLU B 229 -14.78 25.86 -8.46
CA GLU B 229 -15.98 26.29 -9.14
C GLU B 229 -16.34 25.35 -10.27
N LEU B 230 -17.57 25.48 -10.75
CA LEU B 230 -18.05 24.75 -11.92
C LEU B 230 -18.27 25.70 -13.07
N LEU B 231 -18.18 25.18 -14.30
CA LEU B 231 -18.48 25.97 -15.50
C LEU B 231 -19.87 25.61 -16.01
N CYS B 232 -20.72 26.62 -16.16
CA CYS B 232 -22.08 26.42 -16.63
C CYS B 232 -22.13 26.63 -18.14
N PRO B 233 -22.98 25.86 -18.84
CA PRO B 233 -23.00 25.89 -20.29
C PRO B 233 -23.65 27.15 -20.83
N ASP B 234 -24.14 27.99 -19.91
CA ASP B 234 -24.61 29.32 -20.27
C ASP B 234 -23.49 30.35 -20.09
N ASN B 235 -22.27 29.84 -19.94
CA ASN B 235 -21.04 30.63 -19.76
C ASN B 235 -20.99 31.46 -18.47
N THR B 236 -21.46 30.85 -17.37
CA THR B 236 -21.33 31.40 -16.03
C THR B 236 -20.48 30.47 -15.14
N ARG B 237 -20.01 31.01 -14.01
CA ARG B 237 -19.34 30.21 -12.99
C ARG B 237 -20.22 30.13 -11.75
N LYS B 238 -20.24 28.95 -11.13
CA LYS B 238 -21.05 28.71 -9.93
C LYS B 238 -20.32 27.83 -8.93
N PRO B 239 -20.65 27.96 -7.63
CA PRO B 239 -20.06 27.10 -6.59
C PRO B 239 -20.32 25.63 -6.85
N VAL B 240 -19.45 24.75 -6.35
CA VAL B 240 -19.51 23.33 -6.70
C VAL B 240 -20.79 22.60 -6.30
N ASP B 241 -21.47 23.09 -5.27
CA ASP B 241 -22.67 22.41 -4.78
C ASP B 241 -23.91 22.81 -5.55
N LYS B 242 -23.79 23.84 -6.38
CA LYS B 242 -24.90 24.24 -7.24
C LYS B 242 -24.82 23.51 -8.58
N PHE B 243 -24.50 22.22 -8.54
CA PHE B 243 -24.31 21.41 -9.75
C PHE B 243 -25.59 21.11 -10.56
N LYS B 244 -26.74 21.00 -9.89
CA LYS B 244 -28.01 20.82 -10.59
C LYS B 244 -28.26 21.95 -11.58
N ASP B 245 -27.81 23.15 -11.21
CA ASP B 245 -27.95 24.34 -12.06
C ASP B 245 -26.74 24.59 -12.94
N CYS B 246 -25.70 23.77 -12.78
CA CYS B 246 -24.44 23.98 -13.47
C CYS B 246 -23.73 22.69 -13.86
N HIS B 247 -24.33 21.96 -14.79
CA HIS B 247 -23.72 20.72 -15.28
C HIS B 247 -23.71 20.69 -16.80
N LEU B 248 -22.95 19.75 -17.35
CA LEU B 248 -22.78 19.63 -18.78
C LEU B 248 -23.70 18.58 -19.39
N ALA B 249 -24.07 17.60 -18.57
CA ALA B 249 -25.00 16.55 -18.96
C ALA B 249 -25.50 15.76 -17.74
N ARG B 250 -26.70 15.18 -17.86
CA ARG B 250 -27.20 14.17 -16.90
C ARG B 250 -27.21 12.84 -17.63
N VAL B 251 -26.54 11.85 -17.06
CA VAL B 251 -26.39 10.56 -17.72
C VAL B 251 -26.69 9.45 -16.74
N PRO B 252 -27.13 8.27 -17.24
CA PRO B 252 -27.48 7.22 -16.31
C PRO B 252 -26.21 6.64 -15.74
N SER B 253 -26.34 6.00 -14.59
CA SER B 253 -25.20 5.49 -13.88
C SER B 253 -24.53 4.32 -14.60
N HIS B 254 -23.25 4.11 -14.28
CA HIS B 254 -22.54 2.88 -14.64
C HIS B 254 -23.39 1.63 -14.40
N ALA B 255 -23.13 0.59 -15.17
CA ALA B 255 -23.93 -0.63 -15.10
C ALA B 255 -23.11 -1.87 -15.33
N VAL B 256 -23.57 -2.97 -14.73
CA VAL B 256 -23.06 -4.29 -15.05
C VAL B 256 -23.65 -4.71 -16.39
N VAL B 257 -22.79 -5.22 -17.27
CA VAL B 257 -23.25 -5.72 -18.56
C VAL B 257 -23.01 -7.21 -18.69
N ALA B 258 -23.75 -7.83 -19.60
CA ALA B 258 -23.74 -9.27 -19.84
C ALA B 258 -24.17 -9.53 -21.27
N ARG B 259 -24.04 -10.77 -21.71
CA ARG B 259 -24.51 -11.20 -23.03
C ARG B 259 -26.01 -10.97 -23.19
N SER B 260 -26.42 -10.67 -24.42
CA SER B 260 -27.83 -10.58 -24.79
C SER B 260 -28.51 -11.94 -24.77
N VAL B 261 -27.73 -12.99 -25.05
CA VAL B 261 -28.23 -14.36 -25.12
C VAL B 261 -27.32 -15.29 -24.30
N ASN B 262 -27.92 -16.07 -23.40
CA ASN B 262 -27.16 -16.88 -22.43
C ASN B 262 -26.18 -16.01 -21.65
N GLY B 263 -26.72 -14.94 -21.09
CA GLY B 263 -25.95 -14.01 -20.29
C GLY B 263 -25.84 -14.40 -18.83
N LYS B 264 -26.70 -15.31 -18.37
CA LYS B 264 -26.83 -15.65 -16.95
C LYS B 264 -27.48 -14.50 -16.16
N GLU B 265 -28.36 -13.76 -16.82
CA GLU B 265 -28.94 -12.54 -16.25
C GLU B 265 -29.54 -12.78 -14.87
N ASP B 266 -30.32 -13.85 -14.74
CA ASP B 266 -30.92 -14.22 -13.47
C ASP B 266 -29.89 -14.47 -12.38
N ALA B 267 -28.87 -15.26 -12.72
CA ALA B 267 -27.82 -15.59 -11.79
C ALA B 267 -26.99 -14.37 -11.38
N ILE B 268 -26.75 -13.46 -12.32
CA ILE B 268 -26.04 -12.25 -11.99
C ILE B 268 -26.83 -11.44 -10.97
N TRP B 269 -28.10 -11.19 -11.25
CA TRP B 269 -28.92 -10.38 -10.38
C TRP B 269 -29.06 -11.02 -8.99
N ASN B 270 -29.19 -12.34 -8.95
CA ASN B 270 -29.29 -13.04 -7.69
C ASN B 270 -28.03 -12.87 -6.84
N LEU B 271 -26.89 -12.84 -7.51
CA LEU B 271 -25.60 -12.57 -6.86
C LEU B 271 -25.57 -11.15 -6.30
N LEU B 272 -25.98 -10.18 -7.10
CA LEU B 272 -25.87 -8.78 -6.70
C LEU B 272 -26.90 -8.43 -5.61
N ARG B 273 -28.09 -8.97 -5.71
CA ARG B 273 -29.11 -8.75 -4.69
C ARG B 273 -28.67 -9.31 -3.34
N GLN B 274 -28.01 -10.46 -3.39
CA GLN B 274 -27.65 -11.16 -2.18
C GLN B 274 -26.35 -10.57 -1.64
N ALA B 275 -25.48 -10.14 -2.53
CA ALA B 275 -24.24 -9.49 -2.12
C ALA B 275 -24.52 -8.11 -1.54
N GLN B 276 -25.57 -7.47 -2.02
CA GLN B 276 -25.99 -6.18 -1.49
C GLN B 276 -26.51 -6.28 -0.06
N GLU B 277 -27.36 -7.27 0.21
CA GLU B 277 -27.96 -7.37 1.53
C GLU B 277 -26.93 -7.83 2.57
N LYS B 278 -25.99 -8.65 2.14
CA LYS B 278 -24.97 -9.17 3.05
C LYS B 278 -23.71 -8.31 3.19
N PHE B 279 -23.35 -7.55 2.15
CA PHE B 279 -22.11 -6.76 2.18
C PHE B 279 -22.24 -5.33 1.65
N GLY B 280 -23.46 -4.81 1.62
CA GLY B 280 -23.71 -3.43 1.18
C GLY B 280 -23.38 -2.43 2.28
N LYS B 281 -23.87 -1.20 2.14
CA LYS B 281 -23.49 -0.14 3.06
C LYS B 281 -23.88 -0.43 4.51
N ASP B 282 -22.90 -0.31 5.40
CA ASP B 282 -23.07 -0.57 6.86
C ASP B 282 -23.54 -2.00 7.22
N LYS B 283 -23.40 -2.95 6.30
CA LYS B 283 -23.96 -4.29 6.48
C LYS B 283 -23.04 -5.26 7.21
N SER B 284 -21.74 -5.17 6.95
CA SER B 284 -20.75 -6.07 7.53
C SER B 284 -19.38 -5.42 7.74
N PRO B 285 -18.80 -5.62 8.93
CA PRO B 285 -17.44 -5.16 9.17
C PRO B 285 -16.44 -6.00 8.38
N LYS B 286 -16.82 -7.23 8.05
CA LYS B 286 -15.87 -8.18 7.44
C LYS B 286 -15.50 -7.83 6.03
N PHE B 287 -16.49 -7.60 5.17
CA PHE B 287 -16.27 -7.26 3.77
C PHE B 287 -17.24 -6.20 3.24
N GLN B 288 -16.75 -5.32 2.36
CA GLN B 288 -17.59 -4.30 1.73
C GLN B 288 -17.52 -4.37 0.24
N LEU B 289 -18.68 -4.54 -0.37
CA LEU B 289 -18.79 -4.61 -1.81
C LEU B 289 -18.46 -3.25 -2.42
N PHE B 290 -18.93 -2.19 -1.77
CA PHE B 290 -18.78 -0.83 -2.28
C PHE B 290 -17.64 -0.06 -1.59
N GLY B 291 -16.55 -0.76 -1.30
CA GLY B 291 -15.39 -0.12 -0.70
C GLY B 291 -14.11 -0.67 -1.30
N SER B 292 -13.10 0.18 -1.34
CA SER B 292 -11.77 -0.19 -1.81
C SER B 292 -10.76 0.09 -0.72
N PRO B 293 -9.71 -0.74 -0.60
CA PRO B 293 -8.65 -0.43 0.37
C PRO B 293 -8.01 0.95 0.13
N SER B 294 -7.27 1.46 1.11
CA SER B 294 -6.58 2.74 0.99
C SER B 294 -5.64 2.71 -0.21
N GLY B 295 -5.65 3.79 -1.00
CA GLY B 295 -4.77 3.90 -2.16
C GLY B 295 -5.31 3.31 -3.45
N GLN B 296 -6.52 2.74 -3.37
CA GLN B 296 -7.24 2.17 -4.51
C GLN B 296 -8.61 2.82 -4.58
N LYS B 297 -9.17 2.94 -5.79
CA LYS B 297 -10.47 3.60 -5.94
C LYS B 297 -11.42 2.84 -6.83
N ASP B 298 -12.67 2.74 -6.38
CA ASP B 298 -13.76 2.20 -7.19
C ASP B 298 -13.43 0.84 -7.80
N LEU B 299 -12.98 -0.09 -6.98
CA LEU B 299 -12.69 -1.43 -7.44
C LEU B 299 -14.00 -2.22 -7.68
N LEU B 300 -14.17 -2.72 -8.90
CA LEU B 300 -15.37 -3.48 -9.31
C LEU B 300 -16.65 -2.66 -9.38
N PHE B 301 -16.89 -1.85 -8.34
CA PHE B 301 -18.03 -0.93 -8.32
C PHE B 301 -17.59 0.41 -7.75
N LYS B 302 -18.38 1.45 -8.03
CA LYS B 302 -18.11 2.79 -7.49
C LYS B 302 -18.15 2.76 -5.95
N ASP B 303 -17.26 3.51 -5.31
CA ASP B 303 -17.15 3.45 -3.85
C ASP B 303 -18.38 4.04 -3.15
N SER B 304 -18.95 5.10 -3.72
CA SER B 304 -20.08 5.79 -3.11
C SER B 304 -21.41 5.16 -3.56
N ALA B 305 -21.33 4.12 -4.38
CA ALA B 305 -22.53 3.36 -4.73
C ALA B 305 -23.14 2.73 -3.46
N ILE B 306 -24.46 2.78 -3.37
CA ILE B 306 -25.18 2.22 -2.21
C ILE B 306 -25.98 0.95 -2.54
N GLY B 307 -26.10 0.61 -3.82
CA GLY B 307 -26.83 -0.59 -4.23
C GLY B 307 -26.97 -0.79 -5.72
N PHE B 308 -27.87 -1.69 -6.11
CA PHE B 308 -28.11 -1.99 -7.51
C PHE B 308 -29.58 -1.86 -7.81
N SER B 309 -29.87 -1.47 -9.04
CA SER B 309 -31.24 -1.46 -9.53
C SER B 309 -31.31 -2.31 -10.79
N ARG B 310 -32.20 -3.29 -10.79
CA ARG B 310 -32.34 -4.18 -11.95
C ARG B 310 -32.79 -3.43 -13.22
N VAL B 311 -32.10 -3.68 -14.32
CA VAL B 311 -32.49 -3.12 -15.61
C VAL B 311 -33.58 -4.00 -16.20
N PRO B 312 -34.75 -3.42 -16.51
CA PRO B 312 -35.87 -4.20 -17.07
C PRO B 312 -35.44 -4.98 -18.32
N PRO B 313 -36.15 -6.07 -18.64
CA PRO B 313 -35.79 -6.80 -19.87
C PRO B 313 -36.27 -6.00 -21.09
N ARG B 314 -35.70 -6.28 -22.25
CA ARG B 314 -36.04 -5.60 -23.52
C ARG B 314 -35.34 -4.25 -23.65
N ILE B 315 -34.56 -3.90 -22.63
CA ILE B 315 -33.78 -2.69 -22.71
C ILE B 315 -32.37 -3.09 -23.11
N ASP B 316 -31.91 -2.57 -24.24
CA ASP B 316 -30.55 -2.75 -24.72
C ASP B 316 -29.68 -1.56 -24.33
N SER B 317 -28.44 -1.54 -24.82
CA SER B 317 -27.51 -0.49 -24.44
C SER B 317 -28.01 0.89 -24.85
N GLY B 318 -28.50 0.99 -26.08
CA GLY B 318 -29.07 2.23 -26.60
C GLY B 318 -30.18 2.76 -25.71
N LEU B 319 -31.18 1.92 -25.43
CA LEU B 319 -32.29 2.30 -24.56
C LEU B 319 -31.85 2.60 -23.12
N TYR B 320 -30.84 1.87 -22.65
CA TYR B 320 -30.32 2.15 -21.31
C TYR B 320 -29.73 3.55 -21.21
N LEU B 321 -28.83 3.90 -22.13
CA LEU B 321 -28.18 5.22 -22.10
C LEU B 321 -29.11 6.38 -22.38
N GLY B 322 -30.33 6.08 -22.80
CA GLY B 322 -31.33 7.11 -23.09
C GLY B 322 -31.10 7.86 -24.40
N SER B 323 -32.22 8.18 -25.06
CA SER B 323 -32.26 8.97 -26.30
C SER B 323 -31.13 10.00 -26.45
N GLY B 324 -31.10 10.96 -25.52
CA GLY B 324 -30.21 12.12 -25.59
C GLY B 324 -28.72 11.83 -25.65
N TYR B 325 -28.22 11.04 -24.71
CA TYR B 325 -26.79 10.71 -24.65
C TYR B 325 -26.41 9.71 -25.74
N PHE B 326 -27.29 8.74 -26.00
CA PHE B 326 -27.07 7.76 -27.05
C PHE B 326 -26.97 8.42 -28.42
N THR B 327 -27.81 9.41 -28.67
CA THR B 327 -27.71 10.17 -29.92
C THR B 327 -26.41 10.98 -29.96
N ALA B 328 -25.99 11.50 -28.81
CA ALA B 328 -24.84 12.40 -28.70
C ALA B 328 -23.50 11.71 -28.99
N ILE B 329 -23.35 10.46 -28.52
CA ILE B 329 -22.17 9.67 -28.85
C ILE B 329 -22.08 9.48 -30.36
N GLN B 330 -23.17 9.06 -30.98
CA GLN B 330 -23.20 8.79 -32.43
C GLN B 330 -22.84 10.05 -33.20
N ASN B 331 -23.35 11.18 -32.72
CA ASN B 331 -23.08 12.50 -33.26
C ASN B 331 -21.60 12.85 -33.17
N LEU B 332 -20.98 12.46 -32.08
CA LEU B 332 -19.56 12.69 -31.83
C LEU B 332 -18.64 11.77 -32.67
N ARG B 333 -19.23 10.79 -33.34
CA ARG B 333 -18.43 9.74 -34.01
C ARG B 333 -18.67 9.55 -35.53
N GLY C 1 25.29 -2.36 37.25
CA GLY C 1 25.19 -1.88 35.84
C GLY C 1 26.54 -1.25 35.62
N SER C 2 26.80 -0.56 34.46
CA SER C 2 28.09 0.19 34.22
C SER C 2 28.12 1.41 33.22
N HIS C 3 29.05 2.37 33.42
CA HIS C 3 29.18 3.57 32.55
C HIS C 3 30.55 4.30 32.57
N MET C 4 30.86 5.05 31.50
CA MET C 4 32.08 5.91 31.40
C MET C 4 31.71 7.38 31.40
N ASP C 5 32.03 8.09 32.49
CA ASP C 5 31.55 9.48 32.72
C ASP C 5 31.94 10.53 31.68
N ALA C 6 33.12 10.43 31.09
CA ALA C 6 33.54 11.36 30.04
C ALA C 6 32.58 11.37 28.84
N GLU C 7 32.04 10.19 28.51
CA GLU C 7 31.04 10.03 27.45
C GLU C 7 29.71 10.67 27.78
N GLU C 8 29.34 10.63 29.06
CA GLU C 8 28.04 11.11 29.50
C GLU C 8 28.06 12.61 29.76
N VAL C 9 29.27 13.16 29.79
CA VAL C 9 29.49 14.56 30.17
C VAL C 9 29.85 15.47 28.98
N ALA C 10 30.14 14.87 27.83
CA ALA C 10 30.34 15.60 26.58
C ALA C 10 29.05 16.34 26.23
N PRO C 11 29.17 17.54 25.62
CA PRO C 11 27.99 18.36 25.39
C PRO C 11 26.91 17.67 24.55
N GLN C 12 27.32 16.86 23.57
CA GLN C 12 26.36 16.14 22.74
C GLN C 12 25.40 15.34 23.61
N ALA C 13 25.95 14.62 24.58
CA ALA C 13 25.18 13.77 25.48
C ALA C 13 24.31 14.55 26.47
N LYS C 14 24.85 15.62 27.02
CA LYS C 14 24.08 16.43 27.95
C LYS C 14 22.89 17.09 27.26
N ILE C 15 23.09 17.60 26.05
CA ILE C 15 21.94 18.18 25.32
C ILE C 15 20.87 17.12 25.09
N ALA C 16 21.27 15.95 24.61
CA ALA C 16 20.32 14.89 24.30
C ALA C 16 19.49 14.42 25.51
N GLU C 17 20.12 14.35 26.67
CA GLU C 17 19.44 13.93 27.90
C GLU C 17 18.50 15.04 28.37
N LEU C 18 18.93 16.29 28.18
CA LEU C 18 18.08 17.42 28.52
C LEU C 18 16.78 17.44 27.70
N GLU C 19 16.87 17.16 26.40
CA GLU C 19 15.67 17.22 25.55
C GLU C 19 14.74 16.05 25.81
N ASN C 20 15.32 14.95 26.27
CA ASN C 20 14.56 13.82 26.77
C ASN C 20 13.80 14.19 28.03
N GLN C 21 14.46 14.91 28.93
CA GLN C 21 13.85 15.36 30.18
C GLN C 21 12.66 16.30 29.92
N VAL C 22 12.83 17.20 28.95
CA VAL C 22 11.75 18.06 28.52
C VAL C 22 10.60 17.21 27.99
N HIS C 23 10.93 16.22 27.17
CA HIS C 23 9.90 15.33 26.61
C HIS C 23 9.13 14.62 27.71
N ARG C 24 9.84 14.03 28.66
CA ARG C 24 9.20 13.27 29.74
C ARG C 24 8.35 14.19 30.61
N LEU C 25 8.82 15.41 30.82
CA LEU C 25 8.11 16.38 31.63
C LEU C 25 6.76 16.76 31.05
N GLU C 26 6.73 17.15 29.77
CA GLU C 26 5.45 17.55 29.18
C GLU C 26 4.54 16.36 28.87
N GLN C 27 5.10 15.16 28.94
CA GLN C 27 4.32 13.93 28.81
C GLN C 27 3.64 13.63 30.13
N GLU C 28 4.39 13.75 31.22
CA GLU C 28 3.83 13.56 32.57
C GLU C 28 2.97 14.78 32.95
N LEU C 29 3.05 15.83 32.13
CA LEU C 29 2.23 17.03 32.31
C LEU C 29 0.95 16.94 31.48
N LYS C 30 0.87 15.91 30.65
CA LYS C 30 -0.34 15.57 29.91
C LYS C 30 -1.16 14.57 30.75
N GLU C 31 -0.50 13.49 31.15
CA GLU C 31 -1.02 12.47 32.07
C GLU C 31 -1.82 13.06 33.24
N ILE C 32 -1.55 14.33 33.56
CA ILE C 32 -2.17 15.05 34.67
C ILE C 32 -3.43 15.84 34.27
N ASP C 33 -3.38 16.50 33.11
CA ASP C 33 -4.52 17.30 32.64
C ASP C 33 -5.67 16.44 32.08
N GLU C 34 -5.56 15.12 32.29
CA GLU C 34 -6.57 14.17 31.84
C GLU C 34 -6.97 13.21 32.97
N ALA C 47 1.28 21.80 38.21
CA ALA C 47 1.61 23.25 38.05
C ALA C 47 3.03 23.65 38.47
N PRO C 48 3.59 23.04 39.55
CA PRO C 48 5.00 23.36 39.84
C PRO C 48 5.96 22.66 38.88
N LEU C 49 5.47 21.63 38.18
CA LEU C 49 6.24 20.98 37.12
C LEU C 49 6.40 21.90 35.92
N GLN C 50 5.45 22.82 35.74
CA GLN C 50 5.47 23.79 34.64
C GLN C 50 6.64 24.76 34.75
N SER C 51 6.97 25.15 35.97
CA SER C 51 8.09 26.06 36.21
C SER C 51 9.42 25.33 35.98
N LYS C 52 9.49 24.10 36.45
CA LYS C 52 10.64 23.22 36.15
C LYS C 52 10.78 23.03 34.64
N LEU C 53 9.66 22.76 33.96
CA LEU C 53 9.64 22.61 32.51
C LEU C 53 10.18 23.86 31.83
N ASP C 54 9.56 25.01 32.12
CA ASP C 54 9.94 26.29 31.53
C ASP C 54 11.44 26.56 31.58
N ALA C 55 12.08 26.17 32.68
CA ALA C 55 13.53 26.34 32.86
C ALA C 55 14.33 25.43 31.95
N LYS C 56 14.04 24.13 31.99
CA LYS C 56 14.71 23.17 31.12
C LYS C 56 14.55 23.55 29.66
N LYS C 57 13.37 24.02 29.28
CA LYS C 57 13.08 24.49 27.92
C LYS C 57 13.92 25.70 27.54
N ALA C 58 14.02 26.64 28.47
CA ALA C 58 14.87 27.82 28.27
C ALA C 58 16.33 27.39 28.16
N LYS C 59 16.77 26.54 29.08
CA LYS C 59 18.14 26.08 29.08
C LYS C 59 18.45 25.32 27.80
N LEU C 60 17.49 24.52 27.33
CA LEU C 60 17.67 23.73 26.10
C LEU C 60 17.81 24.61 24.87
N SER C 61 16.97 25.65 24.81
CA SER C 61 17.01 26.67 23.75
C SER C 61 18.40 27.32 23.57
N LYS C 62 19.03 27.71 24.70
CA LYS C 62 20.38 28.27 24.69
C LYS C 62 21.42 27.28 24.19
N LEU C 63 21.26 26.01 24.56
CA LEU C 63 22.18 24.96 24.12
C LEU C 63 21.98 24.59 22.64
N GLU C 64 20.75 24.74 22.15
CA GLU C 64 20.47 24.50 20.73
C GLU C 64 21.01 25.61 19.81
N GLU C 65 20.80 26.86 20.20
CA GLU C 65 21.29 27.99 19.44
C GLU C 65 22.81 27.96 19.27
N LEU C 66 23.52 27.47 20.28
CA LEU C 66 24.99 27.36 20.23
C LEU C 66 25.44 26.24 19.31
N SER C 67 24.74 25.11 19.37
CA SER C 67 25.07 23.95 18.55
C SER C 67 24.81 24.24 17.08
N ASP C 68 23.72 24.95 16.81
CA ASP C 68 23.37 25.40 15.47
C ASP C 68 24.44 26.35 14.92
N LYS C 69 24.99 27.21 15.78
CA LYS C 69 26.06 28.09 15.40
C LYS C 69 27.35 27.32 15.10
N ILE C 70 27.62 26.30 15.90
CA ILE C 70 28.77 25.41 15.66
C ILE C 70 28.61 24.68 14.32
N ASP C 71 27.39 24.23 14.04
CA ASP C 71 27.03 23.68 12.73
C ASP C 71 27.28 24.70 11.61
N GLU C 72 26.74 25.92 11.79
CA GLU C 72 26.87 27.03 10.85
C GLU C 72 28.34 27.28 10.50
N LEU C 73 29.17 27.45 11.53
CA LEU C 73 30.58 27.81 11.34
C LEU C 73 31.39 26.74 10.62
N ASP C 74 31.19 25.48 11.01
CA ASP C 74 31.87 24.36 10.37
C ASP C 74 31.64 24.35 8.87
N ALA C 75 30.42 24.66 8.46
CA ALA C 75 30.09 24.73 7.03
C ALA C 75 30.79 25.92 6.39
N GLU C 76 30.73 27.08 7.04
CA GLU C 76 31.37 28.29 6.54
C GLU C 76 32.87 28.05 6.37
N ILE C 77 33.50 27.44 7.36
CA ILE C 77 34.94 27.18 7.33
C ILE C 77 35.26 26.23 6.18
N ALA C 78 34.42 25.22 6.03
CA ALA C 78 34.57 24.18 5.00
C ALA C 78 34.54 24.74 3.59
N LYS C 79 33.62 25.67 3.33
CA LYS C 79 33.49 26.30 2.00
C LYS C 79 34.66 27.21 1.72
N LEU C 80 35.08 27.94 2.75
CA LEU C 80 36.20 28.85 2.61
C LEU C 80 37.51 28.11 2.30
N GLU C 81 37.81 27.07 3.07
CA GLU C 81 39.01 26.25 2.84
C GLU C 81 39.08 25.68 1.41
N ASP C 82 37.92 25.34 0.87
CA ASP C 82 37.82 24.86 -0.50
C ASP C 82 38.04 26.00 -1.49
N GLN C 83 37.37 27.13 -1.26
CA GLN C 83 37.62 28.32 -2.04
C GLN C 83 39.12 28.59 -2.10
N LEU C 84 39.75 28.56 -0.93
CA LEU C 84 41.18 28.81 -0.80
C LEU C 84 42.02 27.74 -1.48
N LYS C 85 41.70 26.46 -1.26
CA LYS C 85 42.46 25.36 -1.86
C LYS C 85 42.56 25.48 -3.39
N ALA C 86 41.64 26.22 -4.01
CA ALA C 86 41.81 26.67 -5.39
C ALA C 86 42.73 27.91 -5.44
N ALA C 87 44.03 27.67 -5.32
CA ALA C 87 45.03 28.72 -5.22
C ALA C 87 46.00 28.67 -6.41
N GLU C 88 45.59 29.32 -7.51
CA GLU C 88 46.43 29.62 -8.70
C GLU C 88 45.92 30.94 -9.28
N GLU C 89 44.80 31.38 -8.70
CA GLU C 89 43.80 32.30 -9.26
C GLU C 89 43.02 31.71 -10.43
N GLU C 94 43.28 37.85 -7.11
CA GLU C 94 44.67 38.26 -6.71
C GLU C 94 45.05 37.79 -5.30
N ASP C 95 46.27 38.13 -4.90
CA ASP C 95 46.85 37.69 -3.64
C ASP C 95 46.16 38.27 -2.40
N TYR C 96 45.56 39.45 -2.53
CA TYR C 96 44.90 40.12 -1.38
C TYR C 96 43.54 39.52 -1.10
N PHE C 97 42.84 39.11 -2.17
CA PHE C 97 41.64 38.32 -2.03
C PHE C 97 41.95 37.00 -1.30
N LYS C 98 43.05 36.35 -1.68
CA LYS C 98 43.55 35.16 -1.00
C LYS C 98 43.76 35.38 0.49
N GLU C 99 44.52 36.42 0.83
CA GLU C 99 44.76 36.78 2.21
C GLU C 99 43.44 37.10 2.90
N GLY C 100 42.54 37.76 2.18
CA GLY C 100 41.19 38.02 2.63
C GLY C 100 40.48 36.74 3.07
N LEU C 101 40.71 35.65 2.34
CA LEU C 101 40.16 34.34 2.67
C LEU C 101 40.86 33.78 3.88
N GLU C 102 42.20 33.84 3.86
CA GLU C 102 43.01 33.31 4.95
C GLU C 102 42.58 33.93 6.27
N LYS C 103 42.47 35.26 6.28
CA LYS C 103 42.00 36.02 7.44
C LYS C 103 40.64 35.53 7.92
N THR C 104 39.71 35.34 6.98
CA THR C 104 38.35 34.95 7.34
C THR C 104 38.31 33.55 7.92
N ILE C 105 39.03 32.61 7.32
CA ILE C 105 39.15 31.25 7.85
C ILE C 105 39.61 31.27 9.32
N ALA C 106 40.72 31.96 9.58
CA ALA C 106 41.24 32.16 10.93
C ALA C 106 40.22 32.74 11.94
N ALA C 107 39.56 33.83 11.53
CA ALA C 107 38.53 34.49 12.35
C ALA C 107 37.42 33.55 12.78
N LYS C 108 36.83 32.86 11.81
CA LYS C 108 35.77 31.89 12.04
C LYS C 108 36.24 30.79 12.98
N LYS C 109 37.49 30.35 12.81
CA LYS C 109 38.07 29.32 13.65
C LYS C 109 38.22 29.75 15.10
N ALA C 110 38.66 31.00 15.31
CA ALA C 110 38.72 31.56 16.65
C ALA C 110 37.30 31.66 17.25
N GLU C 111 36.33 31.99 16.41
CA GLU C 111 34.92 32.04 16.80
C GLU C 111 34.40 30.65 17.16
N LEU C 112 34.68 29.68 16.30
CA LEU C 112 34.35 28.29 16.59
C LEU C 112 34.92 27.87 17.95
N GLU C 113 36.18 28.21 18.19
CA GLU C 113 36.86 27.84 19.43
C GLU C 113 36.22 28.51 20.68
N LYS C 114 35.64 29.70 20.51
CA LYS C 114 34.91 30.38 21.60
C LYS C 114 33.51 29.83 21.83
N THR C 115 32.83 29.47 20.74
CA THR C 115 31.45 29.00 20.80
C THR C 115 31.38 27.63 21.43
N GLU C 116 32.39 26.79 21.17
CA GLU C 116 32.47 25.46 21.76
C GLU C 116 32.76 25.53 23.26
N ALA C 117 33.59 26.49 23.66
CA ALA C 117 33.85 26.76 25.08
C ALA C 117 32.62 27.36 25.76
N ASP C 118 31.94 28.26 25.06
CA ASP C 118 30.65 28.80 25.49
C ASP C 118 29.63 27.70 25.78
N LEU C 119 29.75 26.59 25.05
CA LEU C 119 28.85 25.45 25.17
C LEU C 119 29.24 24.54 26.34
N LYS C 120 30.51 24.15 26.41
CA LYS C 120 31.02 23.29 27.49
C LYS C 120 30.69 23.88 28.85
N LYS C 121 30.72 25.21 28.91
CA LYS C 121 30.39 25.95 30.13
C LYS C 121 28.88 25.97 30.38
N ALA C 122 28.11 26.31 29.36
CA ALA C 122 26.64 26.42 29.50
C ALA C 122 26.01 25.10 29.87
N VAL C 123 26.71 24.01 29.55
CA VAL C 123 26.18 22.67 29.69
C VAL C 123 26.20 22.21 31.17
N ASN C 124 26.80 23.02 32.02
CA ASN C 124 26.60 22.92 33.49
C ASN C 124 26.00 24.24 33.97
N GLU C 125 24.66 24.34 33.95
CA GLU C 125 23.97 25.59 34.29
C GLU C 125 22.57 25.39 34.90
N GLY D 1 9.01 -4.04 -5.47
CA GLY D 1 7.54 -4.23 -5.51
C GLY D 1 7.29 -5.18 -4.36
N SER D 2 6.05 -5.72 -4.16
CA SER D 2 5.70 -6.64 -3.00
C SER D 2 4.49 -7.63 -3.07
N HIS D 3 4.56 -8.78 -2.38
CA HIS D 3 3.46 -9.80 -2.34
C HIS D 3 3.40 -10.78 -1.13
N MET D 4 2.21 -11.35 -0.87
CA MET D 4 1.99 -12.41 0.16
C MET D 4 1.67 -13.75 -0.48
N ASP D 5 2.54 -14.75 -0.32
CA ASP D 5 2.45 -16.01 -1.08
C ASP D 5 1.24 -16.90 -0.81
N ALA D 6 0.77 -16.96 0.43
CA ALA D 6 -0.45 -17.72 0.76
C ALA D 6 -1.66 -17.29 -0.10
N GLU D 7 -1.78 -15.99 -0.36
CA GLU D 7 -2.81 -15.42 -1.24
C GLU D 7 -2.69 -15.84 -2.69
N GLU D 8 -1.45 -15.87 -3.19
CA GLU D 8 -1.18 -16.20 -4.58
C GLU D 8 -1.20 -17.71 -4.85
N VAL D 9 -1.14 -18.49 -3.77
CA VAL D 9 -1.04 -19.95 -3.85
C VAL D 9 -2.38 -20.64 -3.60
N ALA D 10 -3.40 -19.86 -3.21
CA ALA D 10 -4.75 -20.38 -3.04
C ALA D 10 -5.31 -20.82 -4.38
N PRO D 11 -6.11 -21.90 -4.38
CA PRO D 11 -6.65 -22.43 -5.62
C PRO D 11 -7.38 -21.37 -6.47
N GLN D 12 -8.18 -20.52 -5.83
CA GLN D 12 -8.92 -19.49 -6.54
C GLN D 12 -7.98 -18.67 -7.43
N ALA D 13 -6.81 -18.33 -6.89
CA ALA D 13 -5.81 -17.50 -7.56
C ALA D 13 -5.04 -18.22 -8.65
N LYS D 14 -4.61 -19.45 -8.38
CA LYS D 14 -3.89 -20.22 -9.39
C LYS D 14 -4.79 -20.55 -10.57
N ILE D 15 -6.08 -20.74 -10.32
CA ILE D 15 -7.03 -20.97 -11.40
C ILE D 15 -7.09 -19.72 -12.28
N ALA D 16 -7.22 -18.55 -11.65
CA ALA D 16 -7.38 -17.30 -12.39
C ALA D 16 -6.15 -16.90 -13.23
N GLU D 17 -4.95 -17.18 -12.70
CA GLU D 17 -3.72 -16.89 -13.44
C GLU D 17 -3.51 -17.88 -14.57
N LEU D 18 -3.98 -19.11 -14.38
CA LEU D 18 -3.93 -20.12 -15.43
C LEU D 18 -4.83 -19.75 -16.62
N GLU D 19 -6.04 -19.24 -16.34
CA GLU D 19 -6.95 -18.88 -17.44
C GLU D 19 -6.48 -17.65 -18.17
N ASN D 20 -5.74 -16.79 -17.47
CA ASN D 20 -5.10 -15.63 -18.06
C ASN D 20 -3.93 -16.07 -18.92
N GLN D 21 -3.16 -17.05 -18.43
CA GLN D 21 -2.08 -17.65 -19.22
C GLN D 21 -2.61 -18.22 -20.54
N VAL D 22 -3.74 -18.91 -20.47
CA VAL D 22 -4.40 -19.45 -21.66
C VAL D 22 -4.84 -18.32 -22.59
N HIS D 23 -5.39 -17.25 -22.02
CA HIS D 23 -5.80 -16.10 -22.80
C HIS D 23 -4.62 -15.46 -23.51
N ARG D 24 -3.54 -15.23 -22.77
CA ARG D 24 -2.33 -14.61 -23.33
C ARG D 24 -1.71 -15.47 -24.43
N LEU D 25 -1.78 -16.79 -24.27
CA LEU D 25 -1.19 -17.71 -25.24
C LEU D 25 -1.88 -17.64 -26.59
N GLU D 26 -3.19 -17.88 -26.62
CA GLU D 26 -3.91 -17.87 -27.89
C GLU D 26 -3.99 -16.48 -28.50
N GLN D 27 -3.78 -15.45 -27.68
CA GLN D 27 -3.68 -14.08 -28.15
C GLN D 27 -2.35 -13.86 -28.86
N GLU D 28 -1.27 -14.37 -28.28
CA GLU D 28 0.05 -14.34 -28.92
C GLU D 28 0.07 -15.33 -30.08
N LEU D 29 -0.88 -16.27 -30.08
CA LEU D 29 -1.04 -17.26 -31.13
C LEU D 29 -2.00 -16.80 -32.22
N LYS D 30 -2.50 -15.58 -32.06
CA LYS D 30 -3.26 -14.87 -33.10
C LYS D 30 -2.31 -13.88 -33.77
N GLU D 31 -1.68 -13.02 -32.96
CA GLU D 31 -0.59 -12.11 -33.37
C GLU D 31 0.31 -12.72 -34.47
N ILE D 32 0.61 -14.01 -34.31
CA ILE D 32 1.47 -14.78 -35.23
C ILE D 32 0.81 -15.08 -36.58
N ASP D 33 -0.42 -15.57 -36.56
CA ASP D 33 -1.11 -16.01 -37.79
C ASP D 33 -1.45 -14.89 -38.77
N GLU D 34 -1.11 -13.66 -38.41
CA GLU D 34 -1.29 -12.51 -39.28
C GLU D 34 0.05 -11.79 -39.50
N ALA D 47 3.68 -22.36 -33.65
CA ALA D 47 3.44 -23.82 -33.85
C ALA D 47 3.69 -24.69 -32.61
N PRO D 48 4.82 -24.48 -31.88
CA PRO D 48 5.06 -25.32 -30.71
C PRO D 48 4.42 -24.75 -29.44
N LEU D 49 3.90 -23.52 -29.54
CA LEU D 49 3.12 -22.91 -28.45
C LEU D 49 1.75 -23.57 -28.35
N GLN D 50 1.30 -24.15 -29.47
CA GLN D 50 0.02 -24.86 -29.53
C GLN D 50 -0.01 -26.01 -28.54
N SER D 51 1.09 -26.74 -28.47
CA SER D 51 1.21 -27.90 -27.58
C SER D 51 1.31 -27.48 -26.11
N LYS D 52 1.87 -26.30 -25.87
CA LYS D 52 1.87 -25.72 -24.52
C LYS D 52 0.45 -25.25 -24.15
N LEU D 53 -0.21 -24.60 -25.09
CA LEU D 53 -1.60 -24.15 -24.92
C LEU D 53 -2.52 -25.33 -24.61
N ASP D 54 -2.43 -26.38 -25.42
CA ASP D 54 -3.27 -27.56 -25.23
C ASP D 54 -3.12 -28.14 -23.82
N ALA D 55 -1.91 -28.13 -23.29
CA ALA D 55 -1.65 -28.64 -21.94
C ALA D 55 -2.31 -27.76 -20.88
N LYS D 56 -2.08 -26.46 -20.97
CA LYS D 56 -2.68 -25.53 -20.03
C LYS D 56 -4.20 -25.58 -20.08
N LYS D 57 -4.76 -25.71 -21.28
CA LYS D 57 -6.21 -25.80 -21.49
C LYS D 57 -6.79 -27.07 -20.91
N ALA D 58 -6.05 -28.16 -21.03
CA ALA D 58 -6.43 -29.43 -20.44
C ALA D 58 -6.33 -29.34 -18.93
N LYS D 59 -5.27 -28.69 -18.44
CA LYS D 59 -5.11 -28.54 -16.99
C LYS D 59 -6.21 -27.67 -16.42
N LEU D 60 -6.55 -26.59 -17.13
CA LEU D 60 -7.59 -25.65 -16.69
C LEU D 60 -8.96 -26.34 -16.65
N SER D 61 -9.24 -27.11 -17.69
CA SER D 61 -10.46 -27.93 -17.79
C SER D 61 -10.70 -28.80 -16.54
N LYS D 62 -9.66 -29.48 -16.06
CA LYS D 62 -9.72 -30.31 -14.84
C LYS D 62 -9.99 -29.47 -13.60
N LEU D 63 -9.41 -28.28 -13.53
CA LEU D 63 -9.59 -27.38 -12.38
C LEU D 63 -10.96 -26.71 -12.33
N GLU D 64 -11.51 -26.42 -13.51
CA GLU D 64 -12.86 -25.88 -13.62
C GLU D 64 -13.93 -26.91 -13.23
N GLU D 65 -13.74 -28.16 -13.64
CA GLU D 65 -14.69 -29.23 -13.34
C GLU D 65 -14.82 -29.44 -11.83
N LEU D 66 -13.69 -29.39 -11.12
CA LEU D 66 -13.66 -29.53 -9.65
C LEU D 66 -14.31 -28.35 -8.95
N SER D 67 -14.03 -27.15 -9.45
CA SER D 67 -14.56 -25.91 -8.88
C SER D 67 -16.07 -25.87 -9.01
N ASP D 68 -16.55 -26.26 -10.19
CA ASP D 68 -17.98 -26.37 -10.48
C ASP D 68 -18.65 -27.35 -9.52
N LYS D 69 -17.97 -28.46 -9.22
CA LYS D 69 -18.47 -29.47 -8.28
C LYS D 69 -18.51 -28.94 -6.86
N ILE D 70 -17.50 -28.17 -6.47
CA ILE D 70 -17.50 -27.50 -5.17
C ILE D 70 -18.71 -26.57 -5.08
N ASP D 71 -19.02 -25.88 -6.17
CA ASP D 71 -20.22 -25.04 -6.25
C ASP D 71 -21.51 -25.88 -6.13
N GLU D 72 -21.61 -26.94 -6.95
CA GLU D 72 -22.75 -27.85 -6.92
C GLU D 72 -22.98 -28.35 -5.50
N LEU D 73 -21.89 -28.76 -4.85
CA LEU D 73 -21.97 -29.35 -3.51
C LEU D 73 -22.46 -28.38 -2.45
N ASP D 74 -21.86 -27.20 -2.40
CA ASP D 74 -22.27 -26.18 -1.44
C ASP D 74 -23.76 -25.82 -1.55
N ALA D 75 -24.27 -25.77 -2.77
CA ALA D 75 -25.70 -25.52 -3.00
C ALA D 75 -26.56 -26.68 -2.50
N GLU D 76 -26.18 -27.90 -2.90
CA GLU D 76 -26.85 -29.12 -2.47
C GLU D 76 -26.89 -29.19 -0.94
N ILE D 77 -25.77 -28.85 -0.30
CA ILE D 77 -25.67 -28.88 1.16
C ILE D 77 -26.54 -27.81 1.77
N ALA D 78 -26.57 -26.64 1.12
CA ALA D 78 -27.34 -25.48 1.60
C ALA D 78 -28.83 -25.73 1.57
N LYS D 79 -29.32 -26.45 0.56
CA LYS D 79 -30.74 -26.84 0.48
C LYS D 79 -31.08 -27.89 1.51
N LEU D 80 -30.23 -28.89 1.65
CA LEU D 80 -30.47 -29.96 2.59
C LEU D 80 -30.54 -29.45 4.03
N GLU D 81 -29.60 -28.60 4.42
CA GLU D 81 -29.58 -28.01 5.76
C GLU D 81 -30.82 -27.18 6.06
N ASP D 82 -31.30 -26.49 5.05
CA ASP D 82 -32.51 -25.70 5.19
C ASP D 82 -33.72 -26.59 5.33
N GLN D 83 -33.87 -27.59 4.48
CA GLN D 83 -35.04 -28.45 4.62
C GLN D 83 -34.97 -29.33 5.87
N LEU D 84 -33.77 -29.67 6.31
CA LEU D 84 -33.61 -30.29 7.62
C LEU D 84 -34.02 -29.34 8.73
N LYS D 85 -33.62 -28.07 8.63
CA LYS D 85 -33.96 -27.08 9.65
C LYS D 85 -35.48 -27.01 9.91
N ALA D 86 -36.30 -27.34 8.91
CA ALA D 86 -37.72 -27.58 9.13
C ALA D 86 -37.94 -28.91 9.88
N ALA D 87 -37.71 -28.88 11.21
CA ALA D 87 -37.69 -30.10 12.04
C ALA D 87 -38.76 -30.06 13.12
N GLU D 88 -39.99 -30.44 12.72
CA GLU D 88 -41.17 -30.73 13.59
C GLU D 88 -41.98 -31.79 12.84
N GLU D 89 -41.73 -31.80 11.53
CA GLU D 89 -42.49 -32.44 10.46
C GLU D 89 -43.56 -31.51 9.85
N GLU D 94 -41.89 -38.10 9.33
CA GLU D 94 -41.11 -39.32 9.70
C GLU D 94 -39.73 -38.97 10.24
N ASP D 95 -39.37 -39.56 11.37
CA ASP D 95 -38.06 -39.36 11.97
C ASP D 95 -36.94 -39.95 11.11
N TYR D 96 -37.25 -41.05 10.37
CA TYR D 96 -36.25 -41.71 9.53
C TYR D 96 -35.92 -40.88 8.30
N PHE D 97 -36.94 -40.18 7.78
CA PHE D 97 -36.71 -39.27 6.70
C PHE D 97 -35.71 -38.17 7.14
N LYS D 98 -35.89 -37.67 8.37
CA LYS D 98 -34.92 -36.76 9.00
C LYS D 98 -33.52 -37.34 8.99
N GLU D 99 -33.36 -38.55 9.51
CA GLU D 99 -32.08 -39.24 9.52
C GLU D 99 -31.53 -39.36 8.11
N GLY D 100 -32.42 -39.70 7.18
CA GLY D 100 -32.10 -39.70 5.76
C GLY D 100 -31.37 -38.44 5.32
N LEU D 101 -31.87 -37.28 5.75
CA LEU D 101 -31.25 -36.00 5.42
C LEU D 101 -29.92 -35.85 6.12
N GLU D 102 -29.91 -36.21 7.41
CA GLU D 102 -28.70 -36.07 8.21
C GLU D 102 -27.57 -36.84 7.55
N LYS D 103 -27.86 -38.10 7.18
CA LYS D 103 -26.92 -38.96 6.48
C LYS D 103 -26.41 -38.30 5.22
N THR D 104 -27.33 -37.75 4.44
CA THR D 104 -27.00 -37.17 3.14
C THR D 104 -26.18 -35.89 3.27
N ILE D 105 -26.55 -35.03 4.21
CA ILE D 105 -25.75 -33.84 4.53
C ILE D 105 -24.31 -34.21 4.85
N ALA D 106 -24.12 -35.12 5.81
CA ALA D 106 -22.79 -35.64 6.20
C ALA D 106 -21.96 -36.20 5.03
N ALA D 107 -22.58 -37.00 4.17
CA ALA D 107 -21.93 -37.59 2.99
C ALA D 107 -21.42 -36.51 2.03
N LYS D 108 -22.29 -35.56 1.72
CA LYS D 108 -21.97 -34.46 0.81
C LYS D 108 -20.81 -33.63 1.38
N LYS D 109 -20.84 -33.44 2.71
CA LYS D 109 -19.78 -32.71 3.39
C LYS D 109 -18.45 -33.43 3.30
N ALA D 110 -18.48 -34.76 3.40
CA ALA D 110 -17.27 -35.57 3.24
C ALA D 110 -16.80 -35.48 1.79
N GLU D 111 -17.74 -35.48 0.86
CA GLU D 111 -17.42 -35.34 -0.55
C GLU D 111 -16.80 -33.98 -0.85
N LEU D 112 -17.39 -32.92 -0.30
CA LEU D 112 -16.87 -31.58 -0.44
C LEU D 112 -15.42 -31.50 0.07
N GLU D 113 -15.14 -32.21 1.15
CA GLU D 113 -13.82 -32.22 1.74
C GLU D 113 -12.79 -32.94 0.84
N LYS D 114 -13.17 -34.07 0.25
CA LYS D 114 -12.30 -34.79 -0.67
C LYS D 114 -12.11 -34.05 -1.99
N THR D 115 -13.10 -33.26 -2.39
CA THR D 115 -13.03 -32.54 -3.64
C THR D 115 -12.16 -31.29 -3.53
N GLU D 116 -12.16 -30.65 -2.37
CA GLU D 116 -11.33 -29.47 -2.10
C GLU D 116 -9.84 -29.82 -1.98
N ALA D 117 -9.54 -30.94 -1.32
CA ALA D 117 -8.18 -31.45 -1.22
C ALA D 117 -7.72 -31.92 -2.59
N ASP D 118 -8.62 -32.59 -3.30
CA ASP D 118 -8.44 -33.01 -4.69
C ASP D 118 -8.02 -31.82 -5.57
N LEU D 119 -8.59 -30.66 -5.26
CA LEU D 119 -8.31 -29.41 -5.98
C LEU D 119 -6.97 -28.79 -5.58
N LYS D 120 -6.73 -28.68 -4.27
CA LYS D 120 -5.50 -28.10 -3.73
C LYS D 120 -4.29 -28.86 -4.24
N LYS D 121 -4.45 -30.17 -4.38
CA LYS D 121 -3.43 -31.02 -4.95
C LYS D 121 -3.28 -30.76 -6.45
N ALA D 122 -4.38 -30.86 -7.20
CA ALA D 122 -4.34 -30.74 -8.65
C ALA D 122 -3.77 -29.41 -9.11
N VAL D 123 -3.87 -28.41 -8.24
CA VAL D 123 -3.47 -27.05 -8.57
C VAL D 123 -1.92 -26.89 -8.60
N ASN D 124 -1.22 -28.00 -8.36
CA ASN D 124 0.21 -28.11 -8.68
C ASN D 124 0.45 -29.35 -9.54
N GLU D 125 0.20 -29.22 -10.85
CA GLU D 125 0.34 -30.36 -11.79
C GLU D 125 1.13 -30.04 -13.06
C1 NAG E . -11.10 -23.41 14.39
C2 NAG E . -10.43 -24.03 15.62
C3 NAG E . -9.90 -25.48 15.43
C4 NAG E . -10.86 -26.38 14.63
C5 NAG E . -11.38 -25.61 13.41
C6 NAG E . -12.43 -26.43 12.66
C7 NAG E . -9.32 -22.50 17.20
C8 NAG E . -8.78 -21.10 17.19
N2 NAG E . -9.34 -23.15 16.04
O3 NAG E . -9.64 -26.14 16.67
O4 NAG E . -10.21 -27.59 14.29
O5 NAG E . -11.97 -24.36 13.77
O6 NAG E . -13.66 -26.38 13.36
O7 NAG E . -9.69 -23.00 18.27
C CO3 F . 10.50 -7.79 10.80
O1 CO3 F . 10.49 -7.65 9.50
O2 CO3 F . 11.33 -7.09 11.52
O3 CO3 F . 9.66 -8.62 11.37
FE FE G . 11.53 -6.26 9.00
S SO4 H . 35.14 7.97 17.94
O1 SO4 H . 36.60 8.09 17.85
O2 SO4 H . 34.58 7.24 16.81
O3 SO4 H . 34.56 9.31 18.01
O4 SO4 H . 34.80 7.21 19.14
S SO4 I . 15.20 -7.17 -5.07
O1 SO4 I . 14.11 -8.11 -4.80
O2 SO4 I . 15.36 -6.32 -3.90
O3 SO4 I . 16.44 -7.91 -5.32
O4 SO4 I . 14.91 -6.33 -6.24
S SO4 J . 38.22 7.54 8.18
O1 SO4 J . 37.34 7.44 9.34
O2 SO4 J . 37.43 8.04 7.06
O3 SO4 J . 38.78 6.23 7.86
O4 SO4 J . 39.33 8.47 8.47
C1 NAG K . -11.36 27.67 -34.88
C2 NAG K . -10.02 27.95 -34.20
C3 NAG K . -9.89 29.37 -33.56
C4 NAG K . -10.56 30.48 -34.34
C5 NAG K . -11.93 30.02 -34.88
C6 NAG K . -12.59 31.07 -35.77
C7 NAG K . -8.90 25.94 -33.30
C8 NAG K . -9.26 24.62 -32.67
N2 NAG K . -9.79 26.93 -33.18
O3 NAG K . -8.53 29.74 -33.37
O4 NAG K . -10.66 31.63 -33.51
O5 NAG K . -11.81 28.81 -35.62
O6 NAG K . -11.91 31.18 -37.01
O7 NAG K . -7.82 26.05 -33.89
C CO3 L . -16.60 8.89 -16.56
O1 CO3 L . -17.89 9.03 -16.60
O2 CO3 L . -16.09 7.89 -15.89
O3 CO3 L . -15.81 9.71 -17.17
FE FE M . -18.62 7.66 -15.57
S SO4 N . -11.49 -12.41 3.96
O1 SO4 N . -11.32 -12.97 5.30
O2 SO4 N . -12.64 -11.52 3.92
O3 SO4 N . -11.66 -13.53 3.03
O4 SO4 N . -10.32 -11.62 3.60
S SO4 O . -32.06 10.26 -10.41
O1 SO4 O . -31.63 11.31 -11.34
O2 SO4 O . -31.31 9.04 -10.69
O3 SO4 O . -31.77 10.71 -9.04
O4 SO4 O . -33.49 9.98 -10.53
S SO4 P . -20.75 -10.84 8.11
O1 SO4 P . -19.92 -11.23 6.98
O2 SO4 P . -22.00 -10.26 7.59
O3 SO4 P . -20.08 -9.84 8.92
O4 SO4 P . -21.03 -12.03 8.92
ZN ZN Q . 29.55 8.16 36.99
ZN ZN R . 6.77 -15.16 -3.19
#